data_1U3V
#
_entry.id   1U3V
#
_cell.length_a   44.320
_cell.length_b   52.830
_cell.length_c   90.350
_cell.angle_alpha   79.58
_cell.angle_beta   89.43
_cell.angle_gamma   68.60
#
_symmetry.space_group_name_H-M   'P 1'
#
loop_
_entity.id
_entity.type
_entity.pdbx_description
1 polymer 'Alcohol dehydrogenase beta chain'
2 non-polymer 'ZINC ION'
3 non-polymer NICOTINAMIDE-ADENINE-DINUCLEOTIDE
4 non-polymer HEPTYLFORMAMIDE
5 non-polymer 'PHOSPHATE ION'
6 water water
#
_entity_poly.entity_id   1
_entity_poly.type   'polypeptide(L)'
_entity_poly.pdbx_seq_one_letter_code
;STAGKVIKCKAAVLWEVKKPFSIEDVEVAPPKAYEVRIKMVAVGICRTDDHVVSGNLVTPLPVILGHEAAGIVESVGEGV
TTVKPGDKVIPLFTPQCGKCRVCKNPESNYCLKNDLGNPRGTLQDGTRRFTCRGKPIHHFLGTSTFSQYTVVDENAVAKI
DAASPLEKVCLIGCGFSTGYGSAVNVAKVTPGSTCAVFGLGGVGLSAVMGCKAAGAARIIAVDINKDKFAKAKELGATEC
INPQDYKKPIQEVLKEMTDGGVDFSFEVIGRLDTMMASLLCCHEACGTSVIVGVPPASQNLSINPMLLLTGRTWKGAVYG
GFKSKEGIPKLVADFMAKKFSLDALITHVLPFEKINEGFDLLHSGKSIRTVLTF
;
_entity_poly.pdbx_strand_id   A,B
#
loop_
_chem_comp.id
_chem_comp.type
_chem_comp.name
_chem_comp.formula
HPL non-polymer HEPTYLFORMAMIDE 'C8 H17 N O'
NAD non-polymer NICOTINAMIDE-ADENINE-DINUCLEOTIDE 'C21 H27 N7 O14 P2'
PO4 non-polymer 'PHOSPHATE ION' 'O4 P -3'
ZN non-polymer 'ZINC ION' 'Zn 2'
#
# COMPACT_ATOMS: atom_id res chain seq x y z
N SER A 1 49.45 6.33 19.12
CA SER A 1 48.68 6.81 17.92
C SER A 1 48.09 5.60 17.19
N THR A 2 46.95 5.81 16.54
CA THR A 2 46.32 4.71 15.81
C THR A 2 46.05 5.07 14.35
N ALA A 3 45.98 6.36 14.03
CA ALA A 3 45.69 6.76 12.65
C ALA A 3 46.68 6.15 11.68
N GLY A 4 46.15 5.56 10.60
CA GLY A 4 47.01 4.95 9.60
C GLY A 4 47.49 3.55 9.95
N LYS A 5 47.17 3.07 11.15
CA LYS A 5 47.60 1.75 11.58
C LYS A 5 46.45 0.78 11.75
N VAL A 6 46.79 -0.50 11.66
CA VAL A 6 45.82 -1.55 11.92
C VAL A 6 45.56 -1.43 13.42
N ILE A 7 44.31 -1.54 13.86
CA ILE A 7 44.00 -1.47 15.27
C ILE A 7 43.70 -2.89 15.78
N LYS A 8 44.22 -3.22 16.95
CA LYS A 8 43.94 -4.54 17.55
C LYS A 8 42.96 -4.24 18.65
N CYS A 9 41.80 -4.89 18.62
CA CYS A 9 40.79 -4.65 19.64
C CYS A 9 39.88 -5.86 19.83
N LYS A 10 38.84 -5.69 20.63
CA LYS A 10 37.92 -6.78 20.88
C LYS A 10 36.62 -6.57 20.15
N ALA A 11 36.00 -7.66 19.72
CA ALA A 11 34.70 -7.58 19.04
C ALA A 11 33.96 -8.87 19.29
N ALA A 12 32.64 -8.80 19.14
CA ALA A 12 31.82 -9.96 19.32
C ALA A 12 31.60 -10.57 17.94
N VAL A 13 32.16 -11.76 17.71
CA VAL A 13 32.06 -12.43 16.44
C VAL A 13 31.05 -13.57 16.42
N LEU A 14 30.23 -13.62 15.38
CA LEU A 14 29.28 -14.71 15.25
C LEU A 14 29.90 -15.65 14.21
N TRP A 15 30.40 -16.79 14.66
CA TRP A 15 31.03 -17.74 13.77
C TRP A 15 30.06 -18.68 13.08
N GLU A 16 28.95 -18.97 13.74
CA GLU A 16 27.95 -19.90 13.24
C GLU A 16 26.55 -19.50 13.72
N VAL A 17 25.52 -19.78 12.92
CA VAL A 17 24.17 -19.44 13.36
C VAL A 17 23.75 -20.29 14.55
N LYS A 18 22.83 -19.75 15.35
CA LYS A 18 22.27 -20.41 16.54
C LYS A 18 23.29 -20.73 17.62
N LYS A 19 24.38 -19.95 17.63
CA LYS A 19 25.44 -20.12 18.62
C LYS A 19 25.69 -18.76 19.28
N PRO A 20 26.19 -18.78 20.52
CA PRO A 20 26.47 -17.54 21.24
C PRO A 20 27.57 -16.73 20.55
N PHE A 21 27.61 -15.43 20.82
CA PHE A 21 28.66 -14.59 20.27
C PHE A 21 29.95 -14.98 21.01
N SER A 22 31.08 -14.80 20.35
CA SER A 22 32.36 -15.08 20.97
C SER A 22 33.16 -13.77 21.00
N ILE A 23 33.58 -13.34 22.20
CA ILE A 23 34.37 -12.13 22.31
C ILE A 23 35.79 -12.50 21.87
N GLU A 24 36.20 -11.94 20.74
CA GLU A 24 37.49 -12.24 20.16
C GLU A 24 38.42 -11.04 19.98
N ASP A 25 39.71 -11.33 19.83
CA ASP A 25 40.69 -10.31 19.52
C ASP A 25 40.60 -10.25 17.99
N VAL A 26 40.40 -9.06 17.44
CA VAL A 26 40.28 -8.87 16.00
C VAL A 26 41.22 -7.76 15.53
N GLU A 27 41.42 -7.66 14.23
CA GLU A 27 42.25 -6.60 13.65
C GLU A 27 41.34 -5.81 12.73
N VAL A 28 41.38 -4.50 12.89
CA VAL A 28 40.57 -3.58 12.10
C VAL A 28 41.51 -2.73 11.26
N ALA A 29 41.37 -2.83 9.94
CA ALA A 29 42.19 -2.07 9.02
C ALA A 29 41.90 -0.58 9.06
N PRO A 30 42.89 0.24 8.65
CA PRO A 30 42.65 1.69 8.67
C PRO A 30 41.62 2.01 7.58
N PRO A 31 40.87 3.11 7.75
CA PRO A 31 39.87 3.47 6.76
C PRO A 31 40.45 3.85 5.40
N LYS A 32 39.78 3.42 4.34
CA LYS A 32 40.24 3.78 3.00
C LYS A 32 39.59 5.12 2.67
N ALA A 33 39.72 5.55 1.42
CA ALA A 33 39.14 6.81 1.00
C ALA A 33 37.64 6.72 1.23
N TYR A 34 37.09 7.83 1.71
CA TYR A 34 35.66 7.94 1.96
C TYR A 34 35.13 6.99 3.03
N GLU A 35 36.02 6.57 3.93
CA GLU A 35 35.66 5.70 5.05
C GLU A 35 36.02 6.36 6.37
N VAL A 36 35.35 5.94 7.44
CA VAL A 36 35.52 6.52 8.76
C VAL A 36 35.70 5.41 9.79
N ARG A 37 36.77 5.49 10.59
CA ARG A 37 36.98 4.48 11.63
C ARG A 37 36.49 5.11 12.93
N ILE A 38 35.58 4.41 13.60
CA ILE A 38 34.93 4.90 14.80
C ILE A 38 35.19 4.07 16.07
N LYS A 39 35.46 4.75 17.18
CA LYS A 39 35.62 4.09 18.46
C LYS A 39 34.20 4.03 19.05
N MET A 40 33.67 2.82 19.24
CA MET A 40 32.30 2.64 19.75
C MET A 40 32.19 3.03 21.22
N VAL A 41 31.08 3.67 21.59
CA VAL A 41 30.85 4.05 22.97
C VAL A 41 29.64 3.30 23.54
N ALA A 42 28.59 3.15 22.73
CA ALA A 42 27.39 2.45 23.18
C ALA A 42 26.67 1.80 22.01
N VAL A 43 26.09 0.63 22.25
CA VAL A 43 25.35 -0.08 21.21
C VAL A 43 24.10 -0.71 21.80
N GLY A 44 22.98 -0.52 21.12
CA GLY A 44 21.74 -1.11 21.59
C GLY A 44 21.53 -2.47 20.93
N ILE A 45 20.83 -3.38 21.61
CA ILE A 45 20.56 -4.71 21.04
C ILE A 45 19.21 -4.68 20.37
N CYS A 46 19.23 -4.79 19.05
CA CYS A 46 18.02 -4.76 18.21
C CYS A 46 17.65 -6.18 17.75
N ARG A 47 16.35 -6.44 17.61
CA ARG A 47 15.93 -7.76 17.20
C ARG A 47 16.51 -8.14 15.85
N THR A 48 16.83 -7.14 15.02
CA THR A 48 17.43 -7.41 13.71
C THR A 48 18.77 -8.16 13.84
N ASP A 49 19.57 -7.81 14.83
CA ASP A 49 20.84 -8.51 15.05
C ASP A 49 20.52 -9.96 15.42
N ASP A 50 19.49 -10.13 16.23
CA ASP A 50 19.08 -11.46 16.69
C ASP A 50 18.60 -12.33 15.54
N HIS A 51 17.97 -11.71 14.53
CA HIS A 51 17.47 -12.47 13.39
C HIS A 51 18.61 -13.19 12.66
N VAL A 52 19.81 -12.62 12.67
CA VAL A 52 20.93 -13.30 12.01
C VAL A 52 21.28 -14.53 12.84
N VAL A 53 21.33 -14.37 14.16
CA VAL A 53 21.66 -15.51 15.02
C VAL A 53 20.64 -16.64 14.88
N SER A 54 19.36 -16.29 14.81
CA SER A 54 18.33 -17.32 14.73
C SER A 54 18.15 -17.95 13.35
N GLY A 55 18.79 -17.35 12.34
CA GLY A 55 18.70 -17.87 10.98
C GLY A 55 17.54 -17.28 10.22
N ASN A 56 16.83 -16.32 10.82
CA ASN A 56 15.70 -15.68 10.18
C ASN A 56 16.09 -14.64 9.14
N LEU A 57 17.30 -14.11 9.26
CA LEU A 57 17.80 -13.13 8.32
C LEU A 57 19.14 -13.64 7.80
N VAL A 58 19.25 -13.79 6.48
CA VAL A 58 20.47 -14.29 5.86
C VAL A 58 21.49 -13.18 5.57
N THR A 59 22.74 -13.42 5.96
CA THR A 59 23.85 -12.51 5.72
C THR A 59 25.12 -13.38 5.82
N PRO A 60 26.18 -13.03 5.07
CA PRO A 60 27.40 -13.86 5.15
C PRO A 60 28.07 -13.98 6.52
N LEU A 61 28.47 -15.19 6.87
CA LEU A 61 29.18 -15.48 8.11
C LEU A 61 30.61 -15.94 7.74
N PRO A 62 31.57 -15.79 8.67
CA PRO A 62 31.44 -15.25 10.02
C PRO A 62 31.20 -13.75 9.92
N VAL A 63 30.66 -13.15 10.97
CA VAL A 63 30.31 -11.73 10.90
C VAL A 63 30.30 -11.02 12.23
N ILE A 64 30.51 -9.70 12.18
CA ILE A 64 30.41 -8.84 13.35
C ILE A 64 29.10 -8.09 13.16
N LEU A 65 28.10 -8.44 13.97
CA LEU A 65 26.79 -7.79 13.90
C LEU A 65 26.82 -6.44 14.62
N GLY A 66 25.64 -5.89 14.87
CA GLY A 66 25.53 -4.60 15.57
C GLY A 66 25.28 -3.47 14.59
N HIS A 67 24.32 -2.61 14.89
CA HIS A 67 24.05 -1.51 13.98
C HIS A 67 23.42 -0.28 14.63
N GLU A 68 22.87 -0.45 15.84
CA GLU A 68 22.23 0.66 16.58
C GLU A 68 23.30 1.14 17.54
N ALA A 69 23.93 2.27 17.24
CA ALA A 69 25.06 2.66 18.07
C ALA A 69 25.47 4.11 17.98
N ALA A 70 26.44 4.48 18.82
CA ALA A 70 26.99 5.83 18.83
C ALA A 70 28.44 5.71 19.26
N GLY A 71 29.28 6.56 18.69
CA GLY A 71 30.68 6.50 19.02
C GLY A 71 31.40 7.79 18.68
N ILE A 72 32.73 7.74 18.69
CA ILE A 72 33.56 8.91 18.43
C ILE A 72 34.56 8.60 17.31
N VAL A 73 34.64 9.49 16.32
CA VAL A 73 35.56 9.26 15.19
C VAL A 73 37.01 9.16 15.63
N GLU A 74 37.67 8.07 15.24
CA GLU A 74 39.08 7.85 15.58
C GLU A 74 39.97 8.39 14.47
N SER A 75 39.59 8.10 13.22
CA SER A 75 40.34 8.60 12.06
C SER A 75 39.47 8.56 10.84
N VAL A 76 39.86 9.32 9.82
CA VAL A 76 39.10 9.35 8.57
C VAL A 76 40.03 9.13 7.39
N GLY A 77 39.48 8.52 6.34
CA GLY A 77 40.25 8.28 5.15
C GLY A 77 40.32 9.55 4.31
N GLU A 78 41.06 9.45 3.21
CA GLU A 78 41.22 10.59 2.31
C GLU A 78 39.87 10.90 1.70
N GLY A 79 39.63 12.16 1.44
CA GLY A 79 38.38 12.55 0.80
C GLY A 79 37.23 12.81 1.74
N VAL A 80 37.31 12.30 2.98
CA VAL A 80 36.23 12.52 3.96
C VAL A 80 36.13 14.00 4.33
N THR A 81 34.91 14.52 4.29
CA THR A 81 34.65 15.92 4.60
C THR A 81 33.56 16.20 5.63
N THR A 82 32.67 15.23 5.83
CA THR A 82 31.55 15.47 6.73
C THR A 82 31.75 15.23 8.22
N VAL A 83 32.82 14.51 8.57
CA VAL A 83 33.15 14.24 9.96
C VAL A 83 34.67 14.31 10.10
N LYS A 84 35.14 14.50 11.33
CA LYS A 84 36.57 14.57 11.59
C LYS A 84 36.86 13.88 12.90
N PRO A 85 38.13 13.53 13.15
CA PRO A 85 38.46 12.86 14.40
C PRO A 85 37.95 13.63 15.62
N GLY A 86 37.36 12.89 16.56
CA GLY A 86 36.84 13.50 17.77
C GLY A 86 35.35 13.79 17.72
N ASP A 87 34.77 13.80 16.51
CA ASP A 87 33.33 14.07 16.38
C ASP A 87 32.51 12.91 16.94
N LYS A 88 31.35 13.22 17.53
CA LYS A 88 30.44 12.17 18.00
C LYS A 88 29.59 11.83 16.79
N VAL A 89 29.40 10.54 16.53
CA VAL A 89 28.66 10.10 15.35
C VAL A 89 27.79 8.90 15.61
N ILE A 90 26.82 8.72 14.73
CA ILE A 90 25.93 7.57 14.77
C ILE A 90 26.01 6.90 13.40
N PRO A 91 26.42 5.61 13.36
CA PRO A 91 26.49 4.90 12.08
C PRO A 91 25.05 4.60 11.62
N LEU A 92 24.85 4.47 10.32
CA LEU A 92 23.51 4.30 9.75
C LEU A 92 23.37 2.98 8.99
N PHE A 93 22.36 2.16 9.32
CA PHE A 93 22.21 0.86 8.66
C PHE A 93 21.81 0.94 7.19
N THR A 94 21.28 2.11 6.80
CA THR A 94 20.94 2.40 5.43
C THR A 94 21.70 3.69 5.19
N PRO A 95 22.56 3.74 4.17
CA PRO A 95 23.31 4.97 3.91
C PRO A 95 22.46 6.03 3.21
N GLN A 96 23.06 7.20 3.00
CA GLN A 96 22.43 8.28 2.24
C GLN A 96 23.54 8.84 1.35
N CYS A 97 23.75 8.20 0.19
CA CYS A 97 24.82 8.63 -0.71
C CYS A 97 24.57 10.02 -1.27
N GLY A 98 23.29 10.39 -1.33
CA GLY A 98 22.89 11.69 -1.84
C GLY A 98 23.01 11.86 -3.34
N LYS A 99 23.34 10.79 -4.04
CA LYS A 99 23.54 10.86 -5.50
C LYS A 99 22.65 9.95 -6.34
N CYS A 100 22.02 8.94 -5.72
CA CYS A 100 21.21 8.00 -6.47
C CYS A 100 19.75 8.43 -6.62
N ARG A 101 19.02 7.72 -7.48
CA ARG A 101 17.61 8.02 -7.74
C ARG A 101 16.81 8.13 -6.45
N VAL A 102 17.02 7.17 -5.56
CA VAL A 102 16.34 7.12 -4.28
C VAL A 102 16.67 8.30 -3.37
N CYS A 103 17.95 8.61 -3.22
CA CYS A 103 18.34 9.72 -2.37
C CYS A 103 17.79 11.05 -2.90
N LYS A 104 17.70 11.19 -4.22
CA LYS A 104 17.18 12.44 -4.81
C LYS A 104 15.67 12.54 -4.73
N ASN A 105 15.00 11.40 -4.57
CA ASN A 105 13.53 11.36 -4.45
C ASN A 105 13.21 11.76 -3.02
N PRO A 106 12.51 12.88 -2.83
CA PRO A 106 12.18 13.33 -1.47
C PRO A 106 11.32 12.37 -0.63
N GLU A 107 10.60 11.47 -1.27
CA GLU A 107 9.75 10.54 -0.52
C GLU A 107 10.37 9.19 -0.16
N SER A 108 11.59 8.91 -0.61
CA SER A 108 12.17 7.60 -0.31
C SER A 108 13.49 7.68 0.45
N ASN A 109 13.94 6.55 0.98
CA ASN A 109 15.19 6.53 1.74
C ASN A 109 16.03 5.27 1.59
N TYR A 110 15.56 4.30 0.79
CA TYR A 110 16.30 3.04 0.61
C TYR A 110 17.43 3.23 -0.42
N CYS A 111 18.43 4.00 -0.01
CA CYS A 111 19.60 4.30 -0.85
C CYS A 111 20.16 3.08 -1.55
N LEU A 112 20.51 3.23 -2.82
CA LEU A 112 21.02 2.12 -3.60
C LEU A 112 22.39 1.58 -3.16
N LYS A 113 23.03 2.24 -2.19
CA LYS A 113 24.34 1.77 -1.68
C LYS A 113 24.14 0.84 -0.48
N ASN A 114 22.89 0.53 -0.15
CA ASN A 114 22.58 -0.34 0.97
C ASN A 114 23.10 -1.77 0.79
N ASP A 115 23.28 -2.46 1.91
CA ASP A 115 23.73 -3.85 1.89
C ASP A 115 22.62 -4.66 2.57
N LEU A 116 21.38 -4.30 2.26
CA LEU A 116 20.20 -4.94 2.87
C LEU A 116 19.53 -6.01 2.03
N GLY A 117 19.30 -5.73 0.75
CA GLY A 117 18.64 -6.66 -0.15
C GLY A 117 19.23 -8.04 -0.35
N ASN A 118 20.45 -8.08 -0.88
CA ASN A 118 21.17 -9.34 -1.09
C ASN A 118 22.52 -8.96 -0.50
N PRO A 119 22.64 -9.08 0.83
CA PRO A 119 23.87 -8.73 1.55
C PRO A 119 25.16 -9.39 1.11
N ARG A 120 26.20 -8.57 0.99
CA ARG A 120 27.54 -9.00 0.65
C ARG A 120 28.37 -9.05 1.94
N GLY A 121 27.94 -8.32 2.97
CA GLY A 121 28.70 -8.33 4.21
C GLY A 121 30.04 -7.63 4.08
N THR A 122 30.06 -6.58 3.28
CA THR A 122 31.27 -5.79 3.05
C THR A 122 30.96 -4.30 3.15
N LEU A 123 31.99 -3.49 2.98
CA LEU A 123 31.76 -2.05 2.91
C LEU A 123 31.40 -1.79 1.44
N GLN A 124 31.08 -0.54 1.09
CA GLN A 124 30.65 -0.25 -0.27
C GLN A 124 31.62 -0.57 -1.40
N ASP A 125 32.92 -0.67 -1.08
CA ASP A 125 33.89 -0.98 -2.13
C ASP A 125 34.01 -2.48 -2.35
N GLY A 126 33.15 -3.24 -1.69
CA GLY A 126 33.09 -4.68 -1.82
C GLY A 126 34.13 -5.49 -1.06
N THR A 127 34.82 -4.86 -0.12
CA THR A 127 35.84 -5.54 0.68
C THR A 127 35.56 -5.38 2.17
N ARG A 128 36.32 -6.12 2.98
CA ARG A 128 36.14 -6.17 4.44
C ARG A 128 37.33 -5.60 5.17
N ARG A 129 37.09 -4.99 6.32
CA ARG A 129 38.14 -4.38 7.12
C ARG A 129 38.53 -5.17 8.34
N PHE A 130 37.84 -6.29 8.58
CA PHE A 130 38.08 -7.11 9.76
C PHE A 130 38.76 -8.44 9.53
N THR A 131 39.62 -8.83 10.47
CA THR A 131 40.25 -10.15 10.43
C THR A 131 40.26 -10.66 11.87
N CYS A 132 40.25 -11.97 12.03
CA CYS A 132 40.26 -12.57 13.35
C CYS A 132 40.82 -13.96 13.24
N ARG A 133 41.89 -14.23 13.99
CA ARG A 133 42.51 -15.55 14.00
C ARG A 133 42.80 -16.05 12.58
N GLY A 134 43.34 -15.14 11.77
CA GLY A 134 43.70 -15.45 10.39
C GLY A 134 42.58 -15.52 9.38
N LYS A 135 41.36 -15.23 9.80
CA LYS A 135 40.20 -15.30 8.89
C LYS A 135 39.53 -13.96 8.69
N PRO A 136 39.12 -13.67 7.45
CA PRO A 136 38.44 -12.39 7.22
C PRO A 136 37.04 -12.49 7.86
N ILE A 137 36.54 -11.39 8.41
CA ILE A 137 35.22 -11.41 9.02
C ILE A 137 34.34 -10.41 8.30
N HIS A 138 33.10 -10.79 8.03
CA HIS A 138 32.18 -9.94 7.32
C HIS A 138 31.62 -8.80 8.15
N HIS A 139 31.22 -7.75 7.44
CA HIS A 139 30.53 -6.62 8.04
C HIS A 139 29.04 -6.97 8.04
N PHE A 140 28.24 -6.15 8.72
CA PHE A 140 26.79 -6.34 8.79
C PHE A 140 26.11 -4.98 8.63
N LEU A 141 25.25 -4.88 7.61
CA LEU A 141 24.49 -3.67 7.27
C LEU A 141 25.42 -2.46 7.10
N GLY A 142 26.65 -2.75 6.70
CA GLY A 142 27.65 -1.70 6.54
C GLY A 142 28.16 -1.05 7.83
N THR A 143 27.68 -1.51 8.98
CA THR A 143 28.04 -0.89 10.26
C THR A 143 28.88 -1.67 11.29
N SER A 144 28.56 -2.95 11.48
CA SER A 144 29.32 -3.80 12.42
C SER A 144 29.75 -3.12 13.71
N THR A 145 28.75 -2.70 14.49
CA THR A 145 29.03 -2.00 15.73
C THR A 145 29.27 -2.83 17.00
N PHE A 146 29.26 -4.16 16.91
CA PHE A 146 29.57 -5.00 18.08
C PHE A 146 31.09 -5.18 18.14
N SER A 147 31.80 -4.06 18.05
CA SER A 147 33.26 -4.08 18.07
C SER A 147 33.75 -2.79 18.70
N GLN A 148 34.88 -2.84 19.40
CA GLN A 148 35.40 -1.62 20.02
C GLN A 148 35.68 -0.56 18.95
N TYR A 149 36.05 -1.00 17.74
CA TYR A 149 36.28 -0.09 16.62
C TYR A 149 35.68 -0.69 15.37
N THR A 150 35.04 0.17 14.56
CA THR A 150 34.50 -0.30 13.27
C THR A 150 34.86 0.73 12.20
N VAL A 151 34.79 0.30 10.93
CA VAL A 151 35.06 1.17 9.80
C VAL A 151 33.74 1.20 9.02
N VAL A 152 33.29 2.40 8.70
CA VAL A 152 32.01 2.58 8.01
C VAL A 152 32.18 3.57 6.87
N ASP A 153 31.39 3.39 5.81
CA ASP A 153 31.42 4.33 4.68
C ASP A 153 30.94 5.70 5.15
N GLU A 154 31.57 6.77 4.66
CA GLU A 154 31.20 8.12 5.09
C GLU A 154 29.71 8.41 4.96
N ASN A 155 29.10 7.97 3.86
CA ASN A 155 27.68 8.24 3.64
C ASN A 155 26.75 7.43 4.55
N ALA A 156 27.34 6.62 5.44
CA ALA A 156 26.58 5.85 6.42
C ALA A 156 27.02 6.26 7.84
N VAL A 157 27.56 7.47 7.96
CA VAL A 157 27.99 8.00 9.26
C VAL A 157 27.41 9.39 9.43
N ALA A 158 26.64 9.62 10.50
CA ALA A 158 26.07 10.94 10.76
C ALA A 158 26.74 11.66 11.94
N LYS A 159 27.11 12.92 11.71
CA LYS A 159 27.71 13.75 12.77
C LYS A 159 26.57 14.25 13.67
N ILE A 160 26.73 14.15 14.98
CA ILE A 160 25.69 14.61 15.88
C ILE A 160 26.21 15.60 16.91
N ASP A 161 25.29 16.17 17.70
CA ASP A 161 25.61 17.14 18.74
C ASP A 161 26.76 16.64 19.62
N ALA A 162 27.82 17.44 19.72
CA ALA A 162 28.98 17.07 20.53
C ALA A 162 28.67 16.81 22.02
N ALA A 163 27.58 17.36 22.53
CA ALA A 163 27.20 17.16 23.93
C ALA A 163 26.22 15.99 24.12
N SER A 164 26.01 15.21 23.07
CA SER A 164 25.08 14.07 23.12
C SER A 164 25.48 12.96 24.09
N PRO A 165 24.54 12.46 24.89
CA PRO A 165 24.88 11.37 25.81
C PRO A 165 24.75 10.11 24.94
N LEU A 166 25.89 9.59 24.50
CA LEU A 166 25.93 8.45 23.61
C LEU A 166 25.25 7.18 24.11
N GLU A 167 25.21 6.98 25.43
CA GLU A 167 24.57 5.78 25.96
C GLU A 167 23.06 5.82 25.82
N LYS A 168 22.53 6.99 25.45
CA LYS A 168 21.09 7.14 25.23
C LYS A 168 20.78 7.28 23.73
N VAL A 169 21.48 8.21 23.07
CA VAL A 169 21.18 8.50 21.68
C VAL A 169 21.46 7.38 20.67
N CYS A 170 22.19 6.36 21.08
CA CYS A 170 22.45 5.26 20.16
C CYS A 170 21.12 4.67 19.66
N LEU A 171 20.06 4.74 20.46
CA LEU A 171 18.76 4.18 20.00
C LEU A 171 18.22 4.93 18.78
N ILE A 172 18.61 6.18 18.63
CA ILE A 172 18.17 6.98 17.50
C ILE A 172 18.78 6.42 16.20
N GLY A 173 19.88 5.69 16.32
CA GLY A 173 20.52 5.08 15.16
C GLY A 173 19.69 3.98 14.50
N CYS A 174 18.71 3.43 15.22
CA CYS A 174 17.85 2.44 14.58
C CYS A 174 16.44 2.36 15.14
N GLY A 175 16.31 1.78 16.32
CA GLY A 175 15.00 1.52 16.92
C GLY A 175 14.03 2.66 17.05
N PHE A 176 14.48 3.73 17.68
CA PHE A 176 13.60 4.87 17.87
C PHE A 176 13.22 5.54 16.56
N SER A 177 14.20 5.84 15.71
CA SER A 177 13.90 6.48 14.44
C SER A 177 12.96 5.63 13.59
N THR A 178 13.22 4.33 13.56
CA THR A 178 12.38 3.43 12.78
C THR A 178 10.95 3.41 13.27
N GLY A 179 10.77 3.21 14.57
CA GLY A 179 9.40 3.12 15.08
C GLY A 179 8.64 4.44 14.99
N TYR A 180 9.26 5.50 15.48
CA TYR A 180 8.67 6.84 15.47
C TYR A 180 8.34 7.26 14.04
N GLY A 181 9.32 7.12 13.14
CA GLY A 181 9.10 7.50 11.76
C GLY A 181 8.05 6.66 11.03
N SER A 182 7.92 5.40 11.41
CA SER A 182 6.92 4.57 10.75
C SER A 182 5.53 5.18 10.93
N ALA A 183 5.32 5.84 12.06
CA ALA A 183 4.04 6.49 12.33
C ALA A 183 3.99 7.88 11.69
N VAL A 184 5.02 8.68 11.90
CA VAL A 184 5.07 10.06 11.40
C VAL A 184 5.33 10.26 9.92
N ASN A 185 6.29 9.52 9.37
CA ASN A 185 6.64 9.66 7.95
C ASN A 185 5.99 8.68 7.00
N VAL A 186 5.91 7.40 7.40
CA VAL A 186 5.40 6.37 6.50
C VAL A 186 3.89 6.29 6.45
N ALA A 187 3.28 6.03 7.60
CA ALA A 187 1.83 5.97 7.68
C ALA A 187 1.23 7.37 7.61
N LYS A 188 1.96 8.35 8.12
CA LYS A 188 1.50 9.74 8.21
C LYS A 188 0.19 9.76 9.00
N VAL A 189 0.27 9.23 10.22
CA VAL A 189 -0.87 9.18 11.14
C VAL A 189 -1.48 10.58 11.25
N THR A 190 -2.80 10.63 11.18
CA THR A 190 -3.54 11.89 11.23
C THR A 190 -4.13 12.19 12.60
N PRO A 191 -4.31 13.49 12.94
CA PRO A 191 -4.88 13.82 14.24
C PRO A 191 -6.28 13.24 14.36
N GLY A 192 -6.59 12.64 15.52
CA GLY A 192 -7.89 12.07 15.78
C GLY A 192 -8.18 10.70 15.21
N SER A 193 -7.16 10.07 14.61
CA SER A 193 -7.35 8.76 14.01
C SER A 193 -7.16 7.66 15.04
N THR A 194 -7.48 6.44 14.63
CA THR A 194 -7.28 5.29 15.51
C THR A 194 -6.14 4.44 14.94
N CYS A 195 -5.27 3.98 15.83
CA CYS A 195 -4.11 3.19 15.44
C CYS A 195 -4.00 1.91 16.23
N ALA A 196 -3.37 0.90 15.65
CA ALA A 196 -3.11 -0.37 16.32
C ALA A 196 -1.64 -0.67 16.06
N VAL A 197 -0.91 -0.96 17.13
CA VAL A 197 0.51 -1.29 17.02
C VAL A 197 0.76 -2.72 17.53
N PHE A 198 1.20 -3.59 16.64
CA PHE A 198 1.53 -4.98 16.99
C PHE A 198 3.01 -5.08 17.34
N GLY A 199 3.30 -5.41 18.60
CA GLY A 199 4.69 -5.55 19.02
C GLY A 199 5.16 -4.39 19.85
N LEU A 200 5.60 -4.69 21.07
CA LEU A 200 6.02 -3.64 22.00
C LEU A 200 7.47 -3.75 22.46
N GLY A 201 8.37 -3.95 21.49
CA GLY A 201 9.78 -3.96 21.77
C GLY A 201 10.23 -2.51 21.62
N GLY A 202 11.53 -2.27 21.50
CA GLY A 202 12.00 -0.90 21.34
C GLY A 202 11.42 -0.17 20.14
N VAL A 203 11.27 -0.90 19.03
CA VAL A 203 10.76 -0.30 17.81
C VAL A 203 9.26 -0.05 17.90
N GLY A 204 8.51 -1.03 18.41
CA GLY A 204 7.06 -0.86 18.52
C GLY A 204 6.66 0.24 19.47
N LEU A 205 7.33 0.32 20.62
CA LEU A 205 7.03 1.36 21.60
C LEU A 205 7.39 2.73 21.00
N SER A 206 8.40 2.78 20.14
CA SER A 206 8.75 4.04 19.48
C SER A 206 7.62 4.40 18.49
N ALA A 207 7.00 3.39 17.88
CA ALA A 207 5.85 3.64 16.99
C ALA A 207 4.66 4.18 17.82
N VAL A 208 4.46 3.65 19.03
CA VAL A 208 3.40 4.16 19.92
C VAL A 208 3.69 5.64 20.18
N MET A 209 4.96 5.97 20.43
CA MET A 209 5.34 7.37 20.66
C MET A 209 5.04 8.21 19.42
N GLY A 210 5.31 7.69 18.23
CA GLY A 210 5.03 8.45 17.01
C GLY A 210 3.55 8.70 16.81
N CYS A 211 2.73 7.69 17.11
CA CYS A 211 1.28 7.80 16.96
C CYS A 211 0.76 8.90 17.88
N LYS A 212 1.30 8.96 19.09
CA LYS A 212 0.89 9.97 20.06
C LYS A 212 1.32 11.36 19.58
N ALA A 213 2.55 11.47 19.09
CA ALA A 213 3.08 12.74 18.59
C ALA A 213 2.26 13.26 17.41
N ALA A 214 1.71 12.35 16.60
CA ALA A 214 0.92 12.70 15.43
C ALA A 214 -0.51 13.09 15.81
N GLY A 215 -0.86 12.89 17.08
CA GLY A 215 -2.19 13.24 17.53
C GLY A 215 -3.29 12.19 17.42
N ALA A 216 -2.92 10.91 17.35
CA ALA A 216 -3.92 9.85 17.29
C ALA A 216 -4.86 9.93 18.50
N ALA A 217 -6.15 9.65 18.27
CA ALA A 217 -7.14 9.66 19.33
C ALA A 217 -7.07 8.37 20.13
N ARG A 218 -6.77 7.27 19.43
CA ARG A 218 -6.66 5.97 20.07
C ARG A 218 -5.45 5.22 19.55
N ILE A 219 -4.72 4.61 20.47
CA ILE A 219 -3.53 3.82 20.13
C ILE A 219 -3.63 2.50 20.89
N ILE A 220 -4.02 1.46 20.16
CA ILE A 220 -4.20 0.12 20.71
C ILE A 220 -2.93 -0.68 20.57
N ALA A 221 -2.29 -0.97 21.69
CA ALA A 221 -1.06 -1.75 21.73
C ALA A 221 -1.40 -3.22 21.84
N VAL A 222 -0.82 -4.02 20.96
CA VAL A 222 -1.08 -5.46 20.91
C VAL A 222 0.19 -6.25 21.16
N ASP A 223 0.18 -7.15 22.15
CA ASP A 223 1.36 -7.97 22.44
C ASP A 223 0.94 -9.18 23.28
N ILE A 224 1.62 -10.31 23.06
CA ILE A 224 1.37 -11.51 23.85
C ILE A 224 2.08 -11.45 25.21
N ASN A 225 2.96 -10.46 25.38
CA ASN A 225 3.67 -10.26 26.65
C ASN A 225 3.07 -9.05 27.39
N LYS A 226 2.15 -9.32 28.32
CA LYS A 226 1.47 -8.26 29.07
C LYS A 226 2.40 -7.42 29.95
N ASP A 227 3.62 -7.88 30.17
CA ASP A 227 4.55 -7.13 30.98
C ASP A 227 5.04 -5.86 30.26
N LYS A 228 4.68 -5.75 28.97
CA LYS A 228 5.06 -4.59 28.15
C LYS A 228 3.97 -3.52 28.20
N PHE A 229 2.80 -3.86 28.75
CA PHE A 229 1.66 -2.95 28.78
C PHE A 229 1.83 -1.66 29.57
N ALA A 230 2.50 -1.73 30.73
CA ALA A 230 2.71 -0.52 31.51
C ALA A 230 3.50 0.52 30.71
N LYS A 231 4.61 0.09 30.10
CA LYS A 231 5.41 1.01 29.30
C LYS A 231 4.63 1.53 28.11
N ALA A 232 3.83 0.68 27.47
CA ALA A 232 3.02 1.14 26.34
C ALA A 232 2.08 2.26 26.78
N LYS A 233 1.42 2.09 27.92
CA LYS A 233 0.50 3.11 28.45
C LYS A 233 1.27 4.39 28.76
N GLU A 234 2.45 4.24 29.37
CA GLU A 234 3.28 5.39 29.71
C GLU A 234 3.62 6.21 28.47
N LEU A 235 3.85 5.51 27.35
CA LEU A 235 4.23 6.17 26.11
C LEU A 235 3.09 6.62 25.18
N GLY A 236 1.85 6.38 25.59
CA GLY A 236 0.74 6.84 24.77
C GLY A 236 -0.39 5.89 24.46
N ALA A 237 -0.19 4.59 24.65
CA ALA A 237 -1.25 3.64 24.35
C ALA A 237 -2.51 3.93 25.17
N THR A 238 -3.66 3.91 24.51
CA THR A 238 -4.92 4.15 25.18
C THR A 238 -5.54 2.84 25.67
N GLU A 239 -5.18 1.75 25.01
CA GLU A 239 -5.65 0.41 25.30
C GLU A 239 -4.56 -0.60 24.99
N CYS A 240 -4.50 -1.67 25.78
CA CYS A 240 -3.52 -2.72 25.56
C CYS A 240 -4.25 -4.05 25.58
N ILE A 241 -4.07 -4.83 24.52
CA ILE A 241 -4.72 -6.12 24.44
C ILE A 241 -3.76 -7.25 24.10
N ASN A 242 -3.99 -8.40 24.71
CA ASN A 242 -3.16 -9.58 24.53
C ASN A 242 -3.97 -10.59 23.72
N PRO A 243 -3.55 -10.92 22.48
CA PRO A 243 -4.33 -11.88 21.68
C PRO A 243 -4.65 -13.21 22.38
N GLN A 244 -3.77 -13.63 23.28
CA GLN A 244 -3.96 -14.90 24.02
C GLN A 244 -5.17 -14.89 24.95
N ASP A 245 -5.70 -13.70 25.24
CA ASP A 245 -6.87 -13.59 26.10
C ASP A 245 -8.17 -13.84 25.34
N TYR A 246 -8.09 -13.94 24.01
CA TYR A 246 -9.27 -14.08 23.18
C TYR A 246 -9.53 -15.40 22.48
N LYS A 247 -10.81 -15.65 22.20
CA LYS A 247 -11.24 -16.86 21.51
C LYS A 247 -11.33 -16.64 20.01
N LYS A 248 -11.42 -15.39 19.59
CA LYS A 248 -11.51 -15.08 18.17
C LYS A 248 -10.22 -14.44 17.66
N PRO A 249 -9.98 -14.48 16.35
CA PRO A 249 -8.76 -13.86 15.80
C PRO A 249 -8.68 -12.38 16.20
N ILE A 250 -7.46 -11.93 16.49
CA ILE A 250 -7.22 -10.57 16.93
C ILE A 250 -7.73 -9.49 15.98
N GLN A 251 -7.70 -9.75 14.68
CA GLN A 251 -8.17 -8.74 13.74
C GLN A 251 -9.68 -8.48 13.90
N GLU A 252 -10.44 -9.53 14.23
CA GLU A 252 -11.88 -9.34 14.41
C GLU A 252 -12.12 -8.54 15.69
N VAL A 253 -11.40 -8.88 16.75
CA VAL A 253 -11.51 -8.16 18.01
C VAL A 253 -11.22 -6.66 17.78
N LEU A 254 -10.12 -6.38 17.07
CA LEU A 254 -9.74 -5.00 16.79
C LEU A 254 -10.79 -4.23 15.98
N LYS A 255 -11.33 -4.84 14.93
CA LYS A 255 -12.36 -4.19 14.11
C LYS A 255 -13.59 -3.89 14.95
N GLU A 256 -13.97 -4.84 15.80
CA GLU A 256 -15.13 -4.65 16.67
C GLU A 256 -14.96 -3.59 17.75
N MET A 257 -13.71 -3.25 18.09
CA MET A 257 -13.41 -2.22 19.07
C MET A 257 -13.30 -0.87 18.38
N THR A 258 -13.21 -0.89 17.04
CA THR A 258 -12.96 0.34 16.29
C THR A 258 -13.88 0.68 15.13
N ASP A 259 -15.17 0.38 15.27
CA ASP A 259 -16.13 0.73 14.21
C ASP A 259 -15.70 0.20 12.84
N GLY A 260 -15.24 -1.04 12.82
CA GLY A 260 -14.86 -1.65 11.56
C GLY A 260 -13.37 -1.71 11.23
N GLY A 261 -12.52 -1.16 12.09
CA GLY A 261 -11.10 -1.22 11.82
C GLY A 261 -10.37 0.08 12.08
N VAL A 262 -9.06 -0.01 12.36
CA VAL A 262 -8.28 1.18 12.63
C VAL A 262 -7.91 1.93 11.38
N ASP A 263 -7.64 3.21 11.53
CA ASP A 263 -7.20 4.01 10.41
C ASP A 263 -5.77 3.62 10.02
N PHE A 264 -4.95 3.26 11.02
CA PHE A 264 -3.54 2.90 10.79
C PHE A 264 -3.12 1.74 11.67
N SER A 265 -2.57 0.70 11.03
CA SER A 265 -2.07 -0.45 11.78
C SER A 265 -0.61 -0.63 11.46
N PHE A 266 0.15 -1.09 12.45
CA PHE A 266 1.59 -1.27 12.30
C PHE A 266 2.01 -2.65 12.78
N GLU A 267 2.77 -3.39 11.96
CA GLU A 267 3.28 -4.68 12.42
C GLU A 267 4.73 -4.40 12.76
N VAL A 268 5.10 -4.62 14.02
CA VAL A 268 6.46 -4.33 14.47
C VAL A 268 7.00 -5.54 15.24
N ILE A 269 6.87 -6.70 14.62
CA ILE A 269 7.31 -7.95 15.23
C ILE A 269 8.20 -8.74 14.26
N GLY A 270 7.67 -9.01 13.07
CA GLY A 270 8.40 -9.78 12.08
C GLY A 270 7.84 -11.16 11.83
N ARG A 271 6.53 -11.34 11.96
CA ARG A 271 5.90 -12.65 11.73
C ARG A 271 4.81 -12.55 10.66
N LEU A 272 4.65 -13.59 9.85
CA LEU A 272 3.62 -13.56 8.81
C LEU A 272 2.22 -13.49 9.41
N ASP A 273 1.99 -14.20 10.52
CA ASP A 273 0.64 -14.18 11.10
C ASP A 273 0.21 -12.82 11.61
N THR A 274 1.12 -12.09 12.26
CA THR A 274 0.79 -10.77 12.75
C THR A 274 0.77 -9.76 11.59
N MET A 275 1.54 -10.00 10.51
CA MET A 275 1.48 -9.08 9.37
C MET A 275 0.10 -9.19 8.72
N MET A 276 -0.44 -10.40 8.69
CA MET A 276 -1.75 -10.64 8.13
C MET A 276 -2.80 -9.99 9.03
N ALA A 277 -2.72 -10.27 10.33
CA ALA A 277 -3.66 -9.70 11.29
C ALA A 277 -3.65 -8.17 11.24
N SER A 278 -2.46 -7.58 11.13
CA SER A 278 -2.32 -6.13 11.06
C SER A 278 -3.01 -5.58 9.80
N LEU A 279 -2.81 -6.23 8.67
CA LEU A 279 -3.47 -5.76 7.46
C LEU A 279 -4.99 -5.87 7.59
N LEU A 280 -5.44 -7.01 8.08
CA LEU A 280 -6.87 -7.27 8.24
C LEU A 280 -7.57 -6.39 9.24
N CYS A 281 -6.83 -5.87 10.21
CA CYS A 281 -7.45 -5.04 11.23
C CYS A 281 -7.67 -3.58 10.89
N CYS A 282 -7.07 -3.10 9.79
CA CYS A 282 -7.31 -1.72 9.41
C CYS A 282 -8.58 -1.70 8.56
N HIS A 283 -9.34 -0.61 8.64
CA HIS A 283 -10.62 -0.52 7.94
C HIS A 283 -10.48 -0.82 6.44
N GLU A 284 -11.42 -1.58 5.91
CA GLU A 284 -11.37 -1.97 4.49
C GLU A 284 -11.45 -0.82 3.50
N ALA A 285 -12.03 0.29 3.90
CA ALA A 285 -12.21 1.42 3.00
C ALA A 285 -11.24 2.56 3.21
N CYS A 286 -10.74 2.72 4.43
CA CYS A 286 -9.84 3.85 4.64
C CYS A 286 -8.64 3.53 5.47
N GLY A 287 -8.37 2.25 5.69
CA GLY A 287 -7.23 1.87 6.50
C GLY A 287 -5.91 1.84 5.75
N THR A 288 -4.83 2.03 6.50
CA THR A 288 -3.47 1.99 5.96
C THR A 288 -2.72 1.09 6.93
N SER A 289 -1.95 0.15 6.40
CA SER A 289 -1.22 -0.75 7.26
C SER A 289 0.24 -0.70 6.86
N VAL A 290 1.12 -0.59 7.86
CA VAL A 290 2.55 -0.48 7.59
C VAL A 290 3.33 -1.66 8.11
N ILE A 291 4.14 -2.28 7.26
CA ILE A 291 4.98 -3.39 7.74
C ILE A 291 6.30 -2.80 8.20
N VAL A 292 6.69 -3.09 9.45
CA VAL A 292 7.95 -2.62 10.00
C VAL A 292 8.81 -3.82 10.38
N GLY A 293 8.17 -4.86 10.92
CA GLY A 293 8.94 -6.05 11.31
C GLY A 293 9.61 -6.74 10.14
N VAL A 294 10.74 -7.39 10.40
CA VAL A 294 11.47 -8.12 9.34
C VAL A 294 10.99 -9.57 9.38
N PRO A 295 10.37 -10.05 8.29
CA PRO A 295 9.87 -11.42 8.21
C PRO A 295 10.99 -12.45 8.00
N PRO A 296 10.69 -13.74 8.28
CA PRO A 296 11.63 -14.86 8.13
C PRO A 296 11.98 -15.01 6.65
N ALA A 297 13.26 -15.26 6.42
CA ALA A 297 13.80 -15.40 5.06
C ALA A 297 12.96 -16.19 4.06
N SER A 298 12.65 -15.52 2.95
CA SER A 298 11.91 -16.10 1.83
C SER A 298 10.53 -16.67 2.11
N GLN A 299 9.90 -16.26 3.21
CA GLN A 299 8.55 -16.75 3.54
C GLN A 299 7.52 -15.78 2.99
N ASN A 300 6.46 -16.32 2.38
CA ASN A 300 5.42 -15.53 1.76
C ASN A 300 4.09 -15.55 2.47
N LEU A 301 3.39 -14.42 2.34
CA LEU A 301 2.04 -14.24 2.86
C LEU A 301 1.09 -14.63 1.72
N SER A 302 -0.08 -15.17 2.07
CA SER A 302 -1.06 -15.53 1.05
C SER A 302 -2.14 -14.44 1.12
N ILE A 303 -2.21 -13.59 0.10
CA ILE A 303 -3.13 -12.46 0.06
C ILE A 303 -4.21 -12.41 -1.00
N ASN A 304 -5.45 -12.22 -0.55
CA ASN A 304 -6.55 -12.06 -1.50
C ASN A 304 -6.55 -10.57 -1.86
N PRO A 305 -6.33 -10.23 -3.15
CA PRO A 305 -6.30 -8.84 -3.63
C PRO A 305 -7.53 -8.02 -3.29
N MET A 306 -8.64 -8.70 -3.03
CA MET A 306 -9.87 -8.03 -2.66
C MET A 306 -9.67 -7.20 -1.39
N LEU A 307 -8.70 -7.59 -0.57
CA LEU A 307 -8.43 -6.85 0.67
C LEU A 307 -7.96 -5.45 0.38
N LEU A 308 -7.31 -5.23 -0.77
CA LEU A 308 -6.83 -3.90 -1.15
C LEU A 308 -7.82 -3.13 -2.03
N LEU A 309 -8.56 -3.84 -2.87
CA LEU A 309 -9.49 -3.23 -3.82
C LEU A 309 -10.55 -2.34 -3.19
N THR A 310 -10.93 -2.65 -1.94
CA THR A 310 -11.94 -1.84 -1.26
C THR A 310 -11.45 -0.45 -0.86
N GLY A 311 -10.13 -0.26 -0.82
CA GLY A 311 -9.59 1.03 -0.43
C GLY A 311 -8.39 1.01 0.52
N ARG A 312 -7.89 -0.16 0.86
CA ARG A 312 -6.72 -0.23 1.76
C ARG A 312 -5.42 0.14 1.09
N THR A 313 -4.49 0.61 1.92
CA THR A 313 -3.14 0.96 1.51
C THR A 313 -2.22 0.13 2.39
N TRP A 314 -1.33 -0.64 1.76
CA TRP A 314 -0.41 -1.51 2.48
C TRP A 314 0.99 -1.07 2.05
N LYS A 315 1.83 -0.72 3.02
CA LYS A 315 3.15 -0.26 2.69
C LYS A 315 4.18 -0.71 3.70
N GLY A 316 5.44 -0.57 3.30
CA GLY A 316 6.54 -0.94 4.18
C GLY A 316 7.65 0.07 4.02
N ALA A 317 8.64 0.03 4.93
CA ALA A 317 9.77 0.94 4.85
C ALA A 317 10.83 0.54 5.84
N VAL A 318 12.05 1.00 5.58
CA VAL A 318 13.14 0.82 6.51
C VAL A 318 13.39 2.19 7.16
N TYR A 319 13.90 2.16 8.39
CA TYR A 319 14.31 3.38 9.10
C TYR A 319 13.20 4.39 9.34
N GLY A 320 11.96 3.93 9.36
CA GLY A 320 10.86 4.87 9.58
C GLY A 320 10.74 5.92 8.48
N GLY A 321 11.26 5.59 7.30
CA GLY A 321 11.20 6.52 6.17
C GLY A 321 12.17 7.70 6.22
N PHE A 322 12.98 7.78 7.27
CA PHE A 322 13.92 8.89 7.42
C PHE A 322 15.10 8.75 6.47
N LYS A 323 15.44 9.84 5.77
CA LYS A 323 16.66 9.85 4.97
C LYS A 323 17.69 9.84 6.11
N SER A 324 18.52 8.81 6.15
CA SER A 324 19.39 8.59 7.29
C SER A 324 20.38 9.62 7.79
N LYS A 325 21.20 10.12 6.88
CA LYS A 325 22.24 11.04 7.27
C LYS A 325 21.72 12.41 7.65
N GLU A 326 20.67 12.88 6.97
CA GLU A 326 20.11 14.18 7.30
C GLU A 326 19.15 14.06 8.47
N GLY A 327 18.44 12.94 8.56
CA GLY A 327 17.45 12.79 9.60
C GLY A 327 17.91 12.45 11.00
N ILE A 328 18.94 11.61 11.13
CA ILE A 328 19.39 11.22 12.46
C ILE A 328 19.89 12.38 13.32
N PRO A 329 20.70 13.30 12.76
CA PRO A 329 21.18 14.43 13.58
C PRO A 329 20.03 15.32 14.07
N LYS A 330 19.00 15.47 13.24
CA LYS A 330 17.83 16.28 13.62
C LYS A 330 17.08 15.65 14.77
N LEU A 331 16.95 14.33 14.77
CA LEU A 331 16.28 13.63 15.88
C LEU A 331 17.14 13.81 17.15
N VAL A 332 18.46 13.80 17.00
CA VAL A 332 19.35 13.99 18.15
C VAL A 332 19.15 15.40 18.68
N ALA A 333 19.03 16.37 17.77
CA ALA A 333 18.81 17.75 18.19
C ALA A 333 17.48 17.87 18.96
N ASP A 334 16.44 17.15 18.50
CA ASP A 334 15.15 17.17 19.18
C ASP A 334 15.29 16.58 20.58
N PHE A 335 16.05 15.48 20.67
CA PHE A 335 16.31 14.81 21.93
C PHE A 335 17.00 15.75 22.90
N MET A 336 18.04 16.45 22.41
CA MET A 336 18.81 17.37 23.23
C MET A 336 17.95 18.52 23.77
N ALA A 337 16.93 18.91 22.99
CA ALA A 337 16.00 19.98 23.38
C ALA A 337 14.89 19.45 24.29
N LYS A 338 14.89 18.15 24.53
CA LYS A 338 13.92 17.44 25.38
C LYS A 338 12.54 17.26 24.76
N LYS A 339 12.48 17.24 23.44
CA LYS A 339 11.20 17.06 22.75
C LYS A 339 10.66 15.66 23.02
N PHE A 340 11.56 14.71 23.29
CA PHE A 340 11.18 13.34 23.63
C PHE A 340 12.28 12.74 24.48
N SER A 341 11.93 11.71 25.24
CA SER A 341 12.88 11.02 26.09
C SER A 341 13.03 9.59 25.60
N LEU A 342 14.16 8.97 25.94
CA LEU A 342 14.42 7.58 25.56
C LEU A 342 14.58 6.70 26.81
N ASP A 343 14.51 7.30 28.00
CA ASP A 343 14.71 6.51 29.21
C ASP A 343 13.81 5.28 29.34
N ALA A 344 12.53 5.44 29.02
CA ALA A 344 11.54 4.36 29.14
C ALA A 344 11.91 3.13 28.29
N LEU A 345 12.59 3.37 27.18
CA LEU A 345 13.01 2.31 26.26
C LEU A 345 14.28 1.56 26.70
N ILE A 346 15.13 2.21 27.49
CA ILE A 346 16.37 1.59 27.96
C ILE A 346 16.13 0.97 29.33
N THR A 347 15.91 -0.34 29.34
CA THR A 347 15.63 -1.10 30.56
C THR A 347 16.80 -1.75 31.25
N HIS A 348 17.88 -1.97 30.49
CA HIS A 348 19.07 -2.63 31.00
C HIS A 348 20.34 -2.07 30.41
N VAL A 349 21.37 -1.96 31.23
CA VAL A 349 22.68 -1.49 30.77
C VAL A 349 23.69 -2.55 31.19
N LEU A 350 24.58 -2.92 30.27
CA LEU A 350 25.59 -3.94 30.54
C LEU A 350 26.88 -3.63 29.81
N PRO A 351 28.02 -4.15 30.32
CA PRO A 351 29.29 -3.91 29.66
C PRO A 351 29.23 -4.74 28.38
N PHE A 352 29.96 -4.32 27.35
CA PHE A 352 30.00 -5.02 26.06
C PHE A 352 30.35 -6.51 26.21
N GLU A 353 31.23 -6.83 27.15
CA GLU A 353 31.65 -8.20 27.39
C GLU A 353 30.50 -9.15 27.73
N LYS A 354 29.39 -8.59 28.23
CA LYS A 354 28.21 -9.37 28.59
C LYS A 354 27.15 -9.37 27.49
N ILE A 355 27.61 -9.24 26.23
CA ILE A 355 26.69 -9.22 25.09
C ILE A 355 25.75 -10.42 25.10
N ASN A 356 26.25 -11.60 25.44
CA ASN A 356 25.37 -12.76 25.45
C ASN A 356 24.22 -12.65 26.43
N GLU A 357 24.49 -12.11 27.61
CA GLU A 357 23.46 -11.89 28.63
C GLU A 357 22.43 -10.89 28.11
N GLY A 358 22.89 -9.90 27.33
CA GLY A 358 21.98 -8.94 26.75
C GLY A 358 21.02 -9.61 25.78
N PHE A 359 21.50 -10.59 25.02
CA PHE A 359 20.61 -11.31 24.12
C PHE A 359 19.68 -12.23 24.91
N ASP A 360 20.15 -12.74 26.05
CA ASP A 360 19.30 -13.58 26.89
C ASP A 360 18.12 -12.74 27.38
N LEU A 361 18.37 -11.48 27.75
CA LEU A 361 17.30 -10.59 28.22
C LEU A 361 16.28 -10.37 27.12
N LEU A 362 16.76 -10.16 25.90
CA LEU A 362 15.87 -9.96 24.77
C LEU A 362 14.96 -11.18 24.60
N HIS A 363 15.56 -12.36 24.65
CA HIS A 363 14.80 -13.60 24.51
C HIS A 363 13.75 -13.85 25.58
N SER A 364 14.08 -13.45 26.82
CA SER A 364 13.20 -13.65 27.96
C SER A 364 12.00 -12.72 28.00
N GLY A 365 12.07 -11.63 27.25
CA GLY A 365 10.99 -10.67 27.23
C GLY A 365 11.06 -9.66 28.36
N LYS A 366 12.14 -9.70 29.15
CA LYS A 366 12.31 -8.79 30.28
C LYS A 366 12.86 -7.42 29.89
N SER A 367 13.53 -7.36 28.74
CA SER A 367 14.09 -6.09 28.30
C SER A 367 13.37 -5.48 27.12
N ILE A 368 13.54 -4.17 26.97
CA ILE A 368 13.01 -3.47 25.80
C ILE A 368 14.37 -3.32 25.10
N ARG A 369 15.11 -2.28 25.43
CA ARG A 369 16.46 -2.14 24.86
C ARG A 369 17.52 -2.28 25.94
N THR A 370 18.50 -3.14 25.67
CA THR A 370 19.66 -3.28 26.55
C THR A 370 20.74 -2.52 25.79
N VAL A 371 21.39 -1.57 26.46
CA VAL A 371 22.47 -0.81 25.84
C VAL A 371 23.78 -1.34 26.40
N LEU A 372 24.73 -1.65 25.52
CA LEU A 372 26.04 -2.16 25.93
C LEU A 372 27.04 -1.01 25.91
N THR A 373 27.87 -0.93 26.94
CA THR A 373 28.88 0.13 27.02
C THR A 373 30.26 -0.45 26.82
N PHE A 374 31.09 0.26 26.06
CA PHE A 374 32.44 -0.20 25.75
C PHE A 374 33.50 0.24 26.74
N SER B 1 -49.68 6.44 -18.49
CA SER B 1 -49.15 6.98 -17.21
C SER B 1 -48.42 5.84 -16.50
N THR B 2 -47.23 6.10 -15.97
CA THR B 2 -46.48 5.05 -15.29
C THR B 2 -46.24 5.32 -13.81
N ALA B 3 -46.22 6.58 -13.41
CA ALA B 3 -45.96 6.93 -12.02
C ALA B 3 -46.89 6.22 -11.04
N GLY B 4 -46.29 5.61 -10.01
CA GLY B 4 -47.06 4.89 -9.00
C GLY B 4 -47.51 3.50 -9.42
N LYS B 5 -47.23 3.13 -10.65
CA LYS B 5 -47.63 1.81 -11.15
C LYS B 5 -46.47 0.91 -11.53
N VAL B 6 -46.74 -0.38 -11.57
CA VAL B 6 -45.74 -1.35 -11.98
C VAL B 6 -45.56 -1.15 -13.50
N ILE B 7 -44.30 -1.13 -13.94
CA ILE B 7 -43.97 -0.96 -15.36
C ILE B 7 -43.58 -2.32 -15.96
N LYS B 8 -44.16 -2.64 -17.11
CA LYS B 8 -43.82 -3.88 -17.81
C LYS B 8 -42.84 -3.43 -18.88
N CYS B 9 -41.63 -4.01 -18.92
CA CYS B 9 -40.67 -3.61 -19.92
C CYS B 9 -39.68 -4.74 -20.25
N LYS B 10 -38.78 -4.49 -21.19
CA LYS B 10 -37.80 -5.49 -21.55
C LYS B 10 -36.52 -5.30 -20.72
N ALA B 11 -35.90 -6.41 -20.35
CA ALA B 11 -34.62 -6.38 -19.64
C ALA B 11 -33.82 -7.59 -20.05
N ALA B 12 -32.51 -7.52 -19.82
CA ALA B 12 -31.64 -8.65 -20.13
C ALA B 12 -31.41 -9.38 -18.83
N VAL B 13 -32.03 -10.56 -18.71
CA VAL B 13 -31.91 -11.37 -17.50
C VAL B 13 -30.88 -12.47 -17.65
N LEU B 14 -30.04 -12.62 -16.62
CA LEU B 14 -29.06 -13.70 -16.60
C LEU B 14 -29.63 -14.73 -15.62
N TRP B 15 -30.06 -15.87 -16.17
CA TRP B 15 -30.66 -16.93 -15.36
C TRP B 15 -29.62 -17.89 -14.80
N GLU B 16 -28.53 -18.08 -15.55
CA GLU B 16 -27.46 -19.00 -15.15
C GLU B 16 -26.11 -18.49 -15.62
N VAL B 17 -25.04 -18.85 -14.91
CA VAL B 17 -23.71 -18.42 -15.35
C VAL B 17 -23.32 -19.09 -16.67
N LYS B 18 -22.40 -18.45 -17.40
CA LYS B 18 -21.89 -18.97 -18.67
C LYS B 18 -22.96 -19.23 -19.71
N LYS B 19 -24.04 -18.45 -19.64
CA LYS B 19 -25.14 -18.56 -20.58
C LYS B 19 -25.44 -17.18 -21.12
N PRO B 20 -25.95 -17.09 -22.36
CA PRO B 20 -26.29 -15.79 -22.96
C PRO B 20 -27.40 -15.13 -22.15
N PHE B 21 -27.49 -13.80 -22.27
CA PHE B 21 -28.55 -13.09 -21.58
C PHE B 21 -29.85 -13.41 -22.29
N SER B 22 -30.93 -13.37 -21.54
CA SER B 22 -32.26 -13.62 -22.10
C SER B 22 -33.01 -12.29 -22.08
N ILE B 23 -33.31 -11.76 -23.26
CA ILE B 23 -34.06 -10.51 -23.36
C ILE B 23 -35.51 -10.87 -23.17
N GLU B 24 -36.12 -10.40 -22.10
CA GLU B 24 -37.52 -10.74 -21.91
C GLU B 24 -38.33 -9.77 -21.10
N ASP B 25 -39.62 -10.04 -20.98
CA ASP B 25 -40.50 -9.15 -20.24
C ASP B 25 -40.30 -9.27 -18.75
N VAL B 26 -40.10 -8.11 -18.12
CA VAL B 26 -39.96 -8.06 -16.67
C VAL B 26 -40.91 -7.01 -16.16
N GLU B 27 -41.12 -7.00 -14.84
CA GLU B 27 -41.97 -6.00 -14.21
C GLU B 27 -41.09 -5.27 -13.21
N VAL B 28 -41.24 -3.96 -13.18
CA VAL B 28 -40.46 -3.10 -12.30
C VAL B 28 -41.44 -2.35 -11.40
N ALA B 29 -41.37 -2.63 -10.09
CA ALA B 29 -42.23 -2.00 -9.10
C ALA B 29 -41.91 -0.51 -9.01
N PRO B 30 -42.87 0.31 -8.54
CA PRO B 30 -42.60 1.75 -8.42
C PRO B 30 -41.56 1.96 -7.31
N PRO B 31 -40.89 3.12 -7.33
CA PRO B 31 -39.87 3.39 -6.30
C PRO B 31 -40.46 3.62 -4.91
N LYS B 32 -39.79 3.07 -3.89
CA LYS B 32 -40.22 3.29 -2.51
C LYS B 32 -39.65 4.63 -2.08
N ALA B 33 -39.82 4.97 -0.81
CA ALA B 33 -39.29 6.21 -0.29
C ALA B 33 -37.77 6.20 -0.53
N TYR B 34 -37.24 7.33 -0.96
CA TYR B 34 -35.81 7.50 -1.21
C TYR B 34 -35.24 6.66 -2.36
N GLU B 35 -36.11 6.30 -3.30
CA GLU B 35 -35.72 5.53 -4.49
C GLU B 35 -36.08 6.30 -5.75
N VAL B 36 -35.42 5.96 -6.85
CA VAL B 36 -35.62 6.67 -8.11
C VAL B 36 -35.81 5.69 -9.27
N ARG B 37 -36.88 5.81 -10.03
CA ARG B 37 -37.08 4.91 -11.16
C ARG B 37 -36.61 5.65 -12.40
N ILE B 38 -35.70 5.03 -13.15
CA ILE B 38 -35.08 5.65 -14.29
C ILE B 38 -35.33 4.95 -15.63
N LYS B 39 -35.61 5.76 -16.65
CA LYS B 39 -35.80 5.24 -18.01
C LYS B 39 -34.37 5.24 -18.59
N MET B 40 -33.86 4.05 -18.91
CA MET B 40 -32.50 3.96 -19.43
C MET B 40 -32.35 4.51 -20.84
N VAL B 41 -31.25 5.20 -21.10
CA VAL B 41 -30.98 5.73 -22.43
C VAL B 41 -29.75 5.07 -23.07
N ALA B 42 -28.68 4.87 -22.30
CA ALA B 42 -27.48 4.24 -22.85
C ALA B 42 -26.76 3.49 -21.74
N VAL B 43 -26.15 2.36 -22.09
CA VAL B 43 -25.40 1.59 -21.08
C VAL B 43 -24.14 1.05 -21.73
N GLY B 44 -23.03 1.13 -21.00
CA GLY B 44 -21.78 0.62 -21.52
C GLY B 44 -21.56 -0.79 -21.03
N ILE B 45 -20.86 -1.60 -21.82
CA ILE B 45 -20.55 -2.97 -21.41
C ILE B 45 -19.18 -2.97 -20.76
N CYS B 46 -19.17 -3.23 -19.46
CA CYS B 46 -17.94 -3.23 -18.67
C CYS B 46 -17.53 -4.66 -18.33
N ARG B 47 -16.22 -4.91 -18.22
CA ARG B 47 -15.77 -6.26 -17.93
C ARG B 47 -16.36 -6.77 -16.61
N THR B 48 -16.70 -5.87 -15.69
CA THR B 48 -17.27 -6.31 -14.43
C THR B 48 -18.60 -7.05 -14.63
N ASP B 49 -19.42 -6.60 -15.58
CA ASP B 49 -20.66 -7.31 -15.84
C ASP B 49 -20.32 -8.70 -16.36
N ASP B 50 -19.32 -8.76 -17.23
CA ASP B 50 -18.88 -10.02 -17.80
C ASP B 50 -18.36 -10.99 -16.74
N HIS B 51 -17.74 -10.48 -15.68
CA HIS B 51 -17.23 -11.35 -14.61
C HIS B 51 -18.34 -12.17 -13.97
N VAL B 52 -19.57 -11.64 -13.93
CA VAL B 52 -20.65 -12.41 -13.35
C VAL B 52 -21.01 -13.57 -14.30
N VAL B 53 -21.07 -13.26 -15.59
CA VAL B 53 -21.39 -14.27 -16.57
C VAL B 53 -20.36 -15.41 -16.57
N SER B 54 -19.10 -15.07 -16.41
CA SER B 54 -18.04 -16.07 -16.44
C SER B 54 -17.86 -16.83 -15.13
N GLY B 55 -18.52 -16.35 -14.08
CA GLY B 55 -18.41 -17.01 -12.78
C GLY B 55 -17.25 -16.48 -11.96
N ASN B 56 -16.50 -15.52 -12.49
CA ASN B 56 -15.39 -14.96 -11.75
C ASN B 56 -15.79 -14.05 -10.59
N LEU B 57 -16.99 -13.47 -10.67
CA LEU B 57 -17.49 -12.62 -9.61
C LEU B 57 -18.86 -13.20 -9.27
N VAL B 58 -19.10 -13.45 -7.98
CA VAL B 58 -20.36 -14.03 -7.55
C VAL B 58 -21.36 -12.99 -7.05
N THR B 59 -22.62 -13.17 -7.46
CA THR B 59 -23.74 -12.33 -7.07
C THR B 59 -24.97 -13.22 -7.21
N PRO B 60 -25.97 -13.04 -6.34
CA PRO B 60 -27.16 -13.91 -6.47
C PRO B 60 -27.88 -13.87 -7.82
N LEU B 61 -28.25 -15.04 -8.32
CA LEU B 61 -28.95 -15.19 -9.60
C LEU B 61 -30.37 -15.69 -9.30
N PRO B 62 -31.32 -15.46 -10.21
CA PRO B 62 -31.21 -14.76 -11.50
C PRO B 62 -30.97 -13.28 -11.25
N VAL B 63 -30.45 -12.57 -12.24
CA VAL B 63 -30.12 -11.16 -11.99
C VAL B 63 -30.10 -10.30 -13.24
N ILE B 64 -30.32 -9.01 -13.04
CA ILE B 64 -30.24 -8.06 -14.13
C ILE B 64 -28.92 -7.32 -13.86
N LEU B 65 -27.93 -7.54 -14.73
CA LEU B 65 -26.63 -6.89 -14.57
C LEU B 65 -26.71 -5.48 -15.17
N GLY B 66 -25.54 -4.86 -15.38
CA GLY B 66 -25.50 -3.51 -15.93
C GLY B 66 -25.27 -2.47 -14.85
N HIS B 67 -24.30 -1.60 -15.07
CA HIS B 67 -24.03 -0.56 -14.07
C HIS B 67 -23.45 0.74 -14.62
N GLU B 68 -22.86 0.70 -15.81
CA GLU B 68 -22.26 1.87 -16.47
C GLU B 68 -23.38 2.42 -17.36
N ALA B 69 -24.02 3.51 -16.94
CA ALA B 69 -25.19 3.96 -17.70
C ALA B 69 -25.61 5.39 -17.47
N ALA B 70 -26.61 5.81 -18.24
CA ALA B 70 -27.18 7.15 -18.12
C ALA B 70 -28.62 7.08 -18.59
N GLY B 71 -29.51 7.84 -17.92
CA GLY B 71 -30.90 7.81 -18.31
C GLY B 71 -31.63 9.04 -17.82
N ILE B 72 -32.96 8.97 -17.85
CA ILE B 72 -33.82 10.07 -17.44
C ILE B 72 -34.74 9.59 -16.34
N VAL B 73 -34.92 10.42 -15.32
CA VAL B 73 -35.79 10.04 -14.21
C VAL B 73 -37.25 9.97 -14.67
N GLU B 74 -37.90 8.83 -14.43
CA GLU B 74 -39.32 8.64 -14.77
C GLU B 74 -40.18 9.01 -13.55
N SER B 75 -39.74 8.61 -12.35
CA SER B 75 -40.47 8.97 -11.14
C SER B 75 -39.60 8.80 -9.91
N VAL B 76 -40.02 9.43 -8.83
CA VAL B 76 -39.27 9.35 -7.57
C VAL B 76 -40.20 9.00 -6.42
N GLY B 77 -39.62 8.35 -5.42
CA GLY B 77 -40.38 7.99 -4.25
C GLY B 77 -40.49 9.17 -3.30
N GLU B 78 -41.28 8.99 -2.25
CA GLU B 78 -41.46 10.06 -1.28
C GLU B 78 -40.13 10.35 -0.60
N GLY B 79 -39.87 11.61 -0.35
CA GLY B 79 -38.64 11.98 0.32
C GLY B 79 -37.49 12.33 -0.61
N VAL B 80 -37.58 11.95 -1.88
CA VAL B 80 -36.49 12.26 -2.81
C VAL B 80 -36.45 13.74 -3.16
N THR B 81 -35.27 14.34 -3.01
CA THR B 81 -35.11 15.77 -3.28
C THR B 81 -33.98 16.12 -4.24
N THR B 82 -33.01 15.21 -4.43
CA THR B 82 -31.84 15.49 -5.27
C THR B 82 -32.04 15.32 -6.77
N VAL B 83 -33.13 14.68 -7.17
CA VAL B 83 -33.49 14.49 -8.58
C VAL B 83 -35.01 14.57 -8.68
N LYS B 84 -35.50 14.83 -9.89
CA LYS B 84 -36.93 14.91 -10.13
C LYS B 84 -37.18 14.38 -11.53
N PRO B 85 -38.43 14.03 -11.85
CA PRO B 85 -38.74 13.51 -13.19
C PRO B 85 -38.22 14.42 -14.30
N GLY B 86 -37.65 13.81 -15.33
CA GLY B 86 -37.11 14.56 -16.44
C GLY B 86 -35.62 14.85 -16.33
N ASP B 87 -35.04 14.72 -15.13
CA ASP B 87 -33.60 14.98 -14.98
C ASP B 87 -32.77 13.88 -15.63
N LYS B 88 -31.64 14.25 -16.20
CA LYS B 88 -30.71 13.26 -16.76
C LYS B 88 -29.89 12.82 -15.55
N VAL B 89 -29.64 11.52 -15.45
CA VAL B 89 -28.92 11.01 -14.30
C VAL B 89 -28.01 9.87 -14.69
N ILE B 90 -27.03 9.63 -13.83
CA ILE B 90 -26.09 8.52 -13.97
C ILE B 90 -26.14 7.70 -12.67
N PRO B 91 -26.53 6.41 -12.78
CA PRO B 91 -26.60 5.49 -11.62
C PRO B 91 -25.17 5.24 -11.17
N LEU B 92 -24.98 4.95 -9.88
CA LEU B 92 -23.65 4.79 -9.31
C LEU B 92 -23.46 3.41 -8.69
N PHE B 93 -22.45 2.64 -9.13
CA PHE B 93 -22.27 1.28 -8.59
C PHE B 93 -21.86 1.24 -7.12
N THR B 94 -21.32 2.34 -6.63
CA THR B 94 -20.98 2.50 -5.21
C THR B 94 -21.77 3.74 -4.86
N PRO B 95 -22.62 3.65 -3.84
CA PRO B 95 -23.42 4.81 -3.44
C PRO B 95 -22.60 5.80 -2.61
N GLN B 96 -23.21 6.93 -2.28
CA GLN B 96 -22.62 7.94 -1.42
C GLN B 96 -23.73 8.37 -0.46
N CYS B 97 -23.95 7.58 0.58
CA CYS B 97 -25.00 7.86 1.56
C CYS B 97 -24.78 9.20 2.28
N GLY B 98 -23.51 9.58 2.41
CA GLY B 98 -23.11 10.83 3.03
C GLY B 98 -23.17 10.87 4.55
N LYS B 99 -23.53 9.74 5.16
CA LYS B 99 -23.68 9.65 6.61
C LYS B 99 -22.85 8.58 7.32
N CYS B 100 -22.21 7.69 6.58
CA CYS B 100 -21.41 6.62 7.22
C CYS B 100 -19.96 7.07 7.44
N ARG B 101 -19.20 6.27 8.20
CA ARG B 101 -17.81 6.60 8.46
C ARG B 101 -17.00 6.88 7.19
N VAL B 102 -17.16 6.02 6.20
CA VAL B 102 -16.46 6.14 4.93
C VAL B 102 -16.84 7.40 4.17
N CYS B 103 -18.13 7.70 4.10
CA CYS B 103 -18.54 8.91 3.40
C CYS B 103 -18.04 10.18 4.10
N LYS B 104 -17.93 10.13 5.42
CA LYS B 104 -17.46 11.31 6.16
C LYS B 104 -15.95 11.50 6.02
N ASN B 105 -15.23 10.42 5.77
CA ASN B 105 -13.78 10.44 5.61
C ASN B 105 -13.46 11.00 4.21
N PRO B 106 -12.76 12.14 4.15
CA PRO B 106 -12.43 12.74 2.86
C PRO B 106 -11.55 11.90 1.94
N GLU B 107 -10.81 10.97 2.53
CA GLU B 107 -9.92 10.12 1.75
C GLU B 107 -10.53 8.84 1.17
N SER B 108 -11.78 8.51 1.53
CA SER B 108 -12.34 7.25 1.05
C SER B 108 -13.65 7.36 0.31
N ASN B 109 -14.08 6.25 -0.30
CA ASN B 109 -15.32 6.30 -1.08
C ASN B 109 -16.14 5.03 -1.10
N TYR B 110 -15.65 3.96 -0.47
CA TYR B 110 -16.37 2.67 -0.45
C TYR B 110 -17.47 2.74 0.61
N CYS B 111 -18.52 3.50 0.28
CA CYS B 111 -19.66 3.71 1.15
C CYS B 111 -20.19 2.40 1.76
N LEU B 112 -20.51 2.40 3.06
CA LEU B 112 -21.00 1.21 3.74
C LEU B 112 -22.33 0.66 3.23
N LYS B 113 -23.04 1.43 2.39
CA LYS B 113 -24.33 0.98 1.84
C LYS B 113 -24.13 0.20 0.53
N ASN B 114 -22.87 -0.07 0.17
CA ASN B 114 -22.55 -0.80 -1.06
C ASN B 114 -23.05 -2.23 -1.06
N ASP B 115 -23.19 -2.80 -2.25
CA ASP B 115 -23.60 -4.18 -2.37
C ASP B 115 -22.46 -4.90 -3.14
N LEU B 116 -21.23 -4.56 -2.81
CA LEU B 116 -20.06 -5.14 -3.47
C LEU B 116 -19.45 -6.30 -2.73
N GLY B 117 -18.93 -6.05 -1.52
CA GLY B 117 -18.26 -7.07 -0.71
C GLY B 117 -18.84 -8.51 -0.68
N ASN B 118 -20.06 -8.62 -0.16
CA ASN B 118 -20.75 -9.92 -0.13
C ASN B 118 -22.16 -9.46 -0.56
N PRO B 119 -22.41 -9.44 -1.85
CA PRO B 119 -23.70 -9.01 -2.37
C PRO B 119 -24.95 -9.71 -1.94
N ARG B 120 -26.01 -8.92 -1.82
CA ARG B 120 -27.33 -9.39 -1.48
C ARG B 120 -28.17 -9.38 -2.77
N GLY B 121 -27.75 -8.57 -3.74
CA GLY B 121 -28.52 -8.45 -4.99
C GLY B 121 -29.87 -7.77 -4.77
N THR B 122 -29.90 -6.77 -3.91
CA THR B 122 -31.12 -6.05 -3.59
C THR B 122 -30.81 -4.55 -3.55
N LEU B 123 -31.84 -3.76 -3.29
CA LEU B 123 -31.64 -2.33 -3.08
C LEU B 123 -31.26 -2.22 -1.59
N GLN B 124 -30.98 -1.02 -1.13
CA GLN B 124 -30.53 -0.84 0.24
C GLN B 124 -31.46 -1.30 1.37
N ASP B 125 -32.77 -1.38 1.08
CA ASP B 125 -33.72 -1.84 2.10
C ASP B 125 -33.79 -3.37 2.17
N GLY B 126 -32.93 -4.02 1.38
CA GLY B 126 -32.87 -5.47 1.38
C GLY B 126 -33.89 -6.18 0.51
N THR B 127 -34.63 -5.43 -0.31
CA THR B 127 -35.62 -6.04 -1.19
C THR B 127 -35.36 -5.70 -2.64
N ARG B 128 -36.03 -6.44 -3.53
CA ARG B 128 -35.88 -6.32 -4.98
C ARG B 128 -37.13 -5.74 -5.62
N ARG B 129 -36.94 -4.97 -6.69
CA ARG B 129 -38.07 -4.36 -7.38
C ARG B 129 -38.45 -5.10 -8.66
N PHE B 130 -37.67 -6.10 -9.02
CA PHE B 130 -37.91 -6.82 -10.28
C PHE B 130 -38.59 -8.17 -10.15
N THR B 131 -39.47 -8.46 -11.10
CA THR B 131 -40.10 -9.78 -11.18
C THR B 131 -40.06 -10.18 -12.66
N CYS B 132 -40.12 -11.48 -12.91
CA CYS B 132 -40.08 -12.01 -14.26
C CYS B 132 -40.58 -13.44 -14.19
N ARG B 133 -41.60 -13.74 -15.01
CA ARG B 133 -42.21 -15.06 -15.08
C ARG B 133 -42.69 -15.55 -13.71
N GLY B 134 -43.24 -14.62 -12.95
CA GLY B 134 -43.76 -14.93 -11.63
C GLY B 134 -42.75 -15.05 -10.51
N LYS B 135 -41.50 -14.73 -10.79
CA LYS B 135 -40.46 -14.86 -9.78
C LYS B 135 -39.66 -13.57 -9.59
N PRO B 136 -39.08 -13.37 -8.39
CA PRO B 136 -38.30 -12.15 -8.16
C PRO B 136 -36.94 -12.28 -8.87
N ILE B 137 -36.40 -11.15 -9.30
CA ILE B 137 -35.10 -11.12 -9.99
C ILE B 137 -34.19 -10.20 -9.18
N HIS B 138 -32.93 -10.58 -9.02
CA HIS B 138 -32.00 -9.77 -8.24
C HIS B 138 -31.45 -8.56 -8.96
N HIS B 139 -31.06 -7.57 -8.15
CA HIS B 139 -30.40 -6.37 -8.66
C HIS B 139 -28.89 -6.67 -8.68
N PHE B 140 -28.10 -5.79 -9.28
CA PHE B 140 -26.64 -5.94 -9.35
C PHE B 140 -26.01 -4.59 -9.04
N LEU B 141 -25.11 -4.55 -8.04
CA LEU B 141 -24.41 -3.34 -7.60
C LEU B 141 -25.36 -2.18 -7.33
N GLY B 142 -26.57 -2.55 -6.93
CA GLY B 142 -27.63 -1.56 -6.68
C GLY B 142 -28.12 -0.81 -7.91
N THR B 143 -27.65 -1.17 -9.11
CA THR B 143 -28.01 -0.41 -10.32
C THR B 143 -28.84 -1.12 -11.41
N SER B 144 -28.51 -2.37 -11.72
CA SER B 144 -29.23 -3.16 -12.74
C SER B 144 -29.69 -2.35 -13.95
N THR B 145 -28.73 -1.88 -14.73
CA THR B 145 -29.04 -1.04 -15.87
C THR B 145 -29.30 -1.75 -17.19
N PHE B 146 -29.20 -3.07 -17.25
CA PHE B 146 -29.50 -3.78 -18.49
C PHE B 146 -31.02 -3.99 -18.54
N SER B 147 -31.76 -2.90 -18.40
CA SER B 147 -33.22 -2.93 -18.41
C SER B 147 -33.73 -1.57 -18.93
N GLN B 148 -34.86 -1.56 -19.64
CA GLN B 148 -35.39 -0.28 -20.13
C GLN B 148 -35.73 0.62 -18.95
N TYR B 149 -36.05 0.01 -17.80
CA TYR B 149 -36.34 0.77 -16.59
C TYR B 149 -35.70 0.10 -15.38
N THR B 150 -35.11 0.89 -14.49
CA THR B 150 -34.56 0.32 -13.27
C THR B 150 -34.91 1.24 -12.10
N VAL B 151 -34.80 0.72 -10.88
CA VAL B 151 -35.06 1.48 -9.66
C VAL B 151 -33.76 1.44 -8.87
N VAL B 152 -33.31 2.61 -8.42
CA VAL B 152 -32.03 2.74 -7.72
C VAL B 152 -32.23 3.61 -6.50
N ASP B 153 -31.45 3.35 -5.46
CA ASP B 153 -31.49 4.17 -4.25
C ASP B 153 -31.04 5.58 -4.63
N GLU B 154 -31.68 6.59 -4.03
CA GLU B 154 -31.36 7.99 -4.31
C GLU B 154 -29.89 8.30 -4.14
N ASN B 155 -29.26 7.76 -3.09
CA ASN B 155 -27.84 8.04 -2.86
C ASN B 155 -26.88 7.36 -3.84
N ALA B 156 -27.44 6.65 -4.82
CA ALA B 156 -26.65 6.00 -5.87
C ALA B 156 -27.13 6.53 -7.23
N VAL B 157 -27.71 7.74 -7.24
CA VAL B 157 -28.15 8.36 -8.50
C VAL B 157 -27.59 9.77 -8.50
N ALA B 158 -26.80 10.10 -9.52
CA ALA B 158 -26.25 11.46 -9.63
C ALA B 158 -26.95 12.28 -10.72
N LYS B 159 -27.37 13.50 -10.37
CA LYS B 159 -28.01 14.39 -11.34
C LYS B 159 -26.90 15.03 -12.17
N ILE B 160 -27.04 15.07 -13.50
CA ILE B 160 -26.01 15.65 -14.36
C ILE B 160 -26.54 16.76 -15.26
N ASP B 161 -25.62 17.45 -15.92
CA ASP B 161 -25.95 18.56 -16.84
C ASP B 161 -27.08 18.13 -17.79
N ALA B 162 -28.14 18.93 -17.85
CA ALA B 162 -29.29 18.63 -18.69
C ALA B 162 -29.02 18.51 -20.18
N ALA B 163 -27.89 19.06 -20.64
CA ALA B 163 -27.54 18.99 -22.05
C ALA B 163 -26.58 17.84 -22.36
N SER B 164 -26.37 16.96 -21.39
CA SER B 164 -25.42 15.85 -21.57
C SER B 164 -25.80 14.82 -22.63
N PRO B 165 -24.84 14.45 -23.50
CA PRO B 165 -25.14 13.43 -24.54
C PRO B 165 -25.00 12.10 -23.78
N LEU B 166 -26.13 11.49 -23.45
CA LEU B 166 -26.13 10.27 -22.65
C LEU B 166 -25.45 9.06 -23.28
N GLU B 167 -25.40 9.00 -24.62
CA GLU B 167 -24.76 7.87 -25.29
C GLU B 167 -23.24 7.92 -25.11
N LYS B 168 -22.70 9.06 -24.65
CA LYS B 168 -21.26 9.20 -24.42
C LYS B 168 -20.96 9.25 -22.94
N VAL B 169 -21.70 10.08 -22.20
CA VAL B 169 -21.42 10.22 -20.78
C VAL B 169 -21.69 9.02 -19.88
N CYS B 170 -22.38 8.00 -20.40
CA CYS B 170 -22.60 6.82 -19.56
C CYS B 170 -21.25 6.25 -19.12
N LEU B 171 -20.19 6.42 -19.92
CA LEU B 171 -18.88 5.87 -19.52
C LEU B 171 -18.34 6.48 -18.22
N ILE B 172 -18.74 7.72 -17.91
CA ILE B 172 -18.31 8.38 -16.68
C ILE B 172 -18.91 7.66 -15.47
N GLY B 173 -19.99 6.94 -15.70
CA GLY B 173 -20.63 6.17 -14.65
C GLY B 173 -19.76 5.05 -14.10
N CYS B 174 -18.78 4.58 -14.86
CA CYS B 174 -17.91 3.55 -14.30
C CYS B 174 -16.49 3.51 -14.83
N GLY B 175 -16.34 3.06 -16.07
CA GLY B 175 -15.02 2.88 -16.65
C GLY B 175 -14.11 4.08 -16.70
N PHE B 176 -14.62 5.20 -17.18
CA PHE B 176 -13.74 6.37 -17.29
C PHE B 176 -13.35 6.93 -15.93
N SER B 177 -14.34 7.14 -15.07
CA SER B 177 -14.05 7.67 -13.74
C SER B 177 -13.11 6.74 -12.97
N THR B 178 -13.34 5.45 -13.10
CA THR B 178 -12.49 4.48 -12.41
C THR B 178 -11.05 4.53 -12.91
N GLY B 179 -10.85 4.44 -14.21
CA GLY B 179 -9.48 4.46 -14.73
C GLY B 179 -8.77 5.78 -14.51
N TYR B 180 -9.43 6.86 -14.87
CA TYR B 180 -8.86 8.19 -14.73
C TYR B 180 -8.54 8.49 -13.25
N GLY B 181 -9.51 8.26 -12.38
CA GLY B 181 -9.30 8.53 -10.96
C GLY B 181 -8.25 7.64 -10.33
N SER B 182 -8.12 6.41 -10.82
CA SER B 182 -7.11 5.52 -10.27
C SER B 182 -5.74 6.17 -10.38
N ALA B 183 -5.52 6.93 -11.45
CA ALA B 183 -4.25 7.62 -11.60
C ALA B 183 -4.21 8.94 -10.82
N VAL B 184 -5.25 9.75 -10.96
CA VAL B 184 -5.31 11.06 -10.31
C VAL B 184 -5.58 11.11 -8.81
N ASN B 185 -6.50 10.27 -8.31
CA ASN B 185 -6.85 10.28 -6.89
C ASN B 185 -6.18 9.20 -6.05
N VAL B 186 -6.08 7.99 -6.61
CA VAL B 186 -5.55 6.86 -5.85
C VAL B 186 -4.04 6.82 -5.83
N ALA B 187 -3.43 6.69 -7.00
CA ALA B 187 -1.97 6.69 -7.09
C ALA B 187 -1.42 8.08 -6.83
N LYS B 188 -2.17 9.09 -7.27
CA LYS B 188 -1.74 10.48 -7.17
C LYS B 188 -0.44 10.64 -7.97
N VAL B 189 -0.52 10.26 -9.24
CA VAL B 189 0.60 10.36 -10.17
C VAL B 189 1.14 11.78 -10.15
N THR B 190 2.47 11.90 -10.09
CA THR B 190 3.13 13.20 -10.03
C THR B 190 3.73 13.63 -11.36
N PRO B 191 3.84 14.96 -11.59
CA PRO B 191 4.40 15.47 -12.83
C PRO B 191 5.82 14.97 -13.00
N GLY B 192 6.14 14.49 -14.20
CA GLY B 192 7.49 13.98 -14.50
C GLY B 192 7.80 12.57 -14.05
N SER B 193 6.81 11.86 -13.54
CA SER B 193 7.02 10.50 -13.06
C SER B 193 6.88 9.48 -14.18
N THR B 194 7.27 8.24 -13.88
CA THR B 194 7.13 7.16 -14.84
C THR B 194 6.02 6.21 -14.41
N CYS B 195 5.19 5.81 -15.36
CA CYS B 195 4.04 4.94 -15.07
C CYS B 195 3.98 3.73 -16.00
N ALA B 196 3.37 2.64 -15.51
CA ALA B 196 3.11 1.44 -16.32
C ALA B 196 1.65 1.08 -16.10
N VAL B 197 0.92 0.90 -17.20
CA VAL B 197 -0.49 0.54 -17.12
C VAL B 197 -0.70 -0.82 -17.78
N PHE B 198 -1.11 -1.81 -16.98
CA PHE B 198 -1.39 -3.16 -17.46
C PHE B 198 -2.86 -3.27 -17.82
N GLY B 199 -3.15 -3.46 -19.10
CA GLY B 199 -4.55 -3.60 -19.52
C GLY B 199 -5.03 -2.37 -20.24
N LEU B 200 -5.46 -2.55 -21.48
CA LEU B 200 -5.91 -1.42 -22.28
C LEU B 200 -7.37 -1.52 -22.75
N GLY B 201 -8.23 -1.85 -21.80
CA GLY B 201 -9.66 -1.88 -22.07
C GLY B 201 -10.13 -0.46 -21.79
N GLY B 202 -11.45 -0.24 -21.67
CA GLY B 202 -11.95 1.09 -21.39
C GLY B 202 -11.40 1.67 -20.11
N VAL B 203 -11.25 0.83 -19.09
CA VAL B 203 -10.74 1.30 -17.81
C VAL B 203 -9.23 1.62 -17.87
N GLY B 204 -8.46 0.72 -18.48
CA GLY B 204 -7.02 0.94 -18.58
C GLY B 204 -6.67 2.14 -19.44
N LEU B 205 -7.38 2.31 -20.55
CA LEU B 205 -7.11 3.46 -21.40
C LEU B 205 -7.45 4.74 -20.65
N SER B 206 -8.49 4.67 -19.80
CA SER B 206 -8.84 5.83 -18.99
C SER B 206 -7.73 6.10 -17.96
N ALA B 207 -7.07 5.05 -17.47
CA ALA B 207 -5.94 5.23 -16.54
C ALA B 207 -4.78 5.89 -17.30
N VAL B 208 -4.61 5.52 -18.57
CA VAL B 208 -3.57 6.16 -19.38
C VAL B 208 -3.91 7.64 -19.49
N MET B 209 -5.18 7.99 -19.75
CA MET B 209 -5.55 9.40 -19.82
C MET B 209 -5.28 10.10 -18.49
N GLY B 210 -5.51 9.39 -17.38
CA GLY B 210 -5.28 9.98 -16.08
C GLY B 210 -3.80 10.27 -15.83
N CYS B 211 -2.93 9.37 -16.26
CA CYS B 211 -1.49 9.54 -16.07
C CYS B 211 -1.03 10.74 -16.89
N LYS B 212 -1.59 10.90 -18.09
CA LYS B 212 -1.22 12.03 -18.94
C LYS B 212 -1.69 13.34 -18.32
N ALA B 213 -2.92 13.36 -17.84
CA ALA B 213 -3.45 14.58 -17.21
C ALA B 213 -2.61 14.96 -15.99
N ALA B 214 -2.10 13.96 -15.26
CA ALA B 214 -1.30 14.23 -14.07
C ALA B 214 0.12 14.69 -14.40
N GLY B 215 0.47 14.67 -15.68
CA GLY B 215 1.80 15.12 -16.09
C GLY B 215 2.91 14.08 -16.09
N ALA B 216 2.58 12.79 -16.12
CA ALA B 216 3.64 11.77 -16.15
C ALA B 216 4.55 12.00 -17.36
N ALA B 217 5.85 11.75 -17.17
CA ALA B 217 6.83 11.90 -18.23
C ALA B 217 6.77 10.69 -19.15
N ARG B 218 6.54 9.51 -18.57
CA ARG B 218 6.48 8.29 -19.35
C ARG B 218 5.30 7.44 -18.90
N ILE B 219 4.62 6.86 -19.88
CA ILE B 219 3.46 6.00 -19.61
C ILE B 219 3.59 4.77 -20.50
N ILE B 220 4.02 3.66 -19.90
CA ILE B 220 4.21 2.42 -20.63
C ILE B 220 2.96 1.57 -20.57
N ALA B 221 2.32 1.39 -21.73
CA ALA B 221 1.11 0.60 -21.86
C ALA B 221 1.50 -0.83 -22.13
N VAL B 222 0.90 -1.74 -21.35
CA VAL B 222 1.17 -3.16 -21.41
C VAL B 222 -0.09 -3.97 -21.74
N ASP B 223 -0.06 -4.74 -22.83
CA ASP B 223 -1.21 -5.54 -23.20
C ASP B 223 -0.75 -6.65 -24.15
N ILE B 224 -1.37 -7.81 -24.06
CA ILE B 224 -1.06 -8.92 -24.96
C ILE B 224 -1.76 -8.76 -26.31
N ASN B 225 -2.71 -7.82 -26.40
CA ASN B 225 -3.41 -7.54 -27.65
C ASN B 225 -2.83 -6.26 -28.24
N LYS B 226 -1.91 -6.41 -29.21
CA LYS B 226 -1.25 -5.25 -29.82
C LYS B 226 -2.15 -4.30 -30.59
N ASP B 227 -3.37 -4.74 -30.85
CA ASP B 227 -4.30 -3.89 -31.57
C ASP B 227 -4.89 -2.77 -30.71
N LYS B 228 -4.59 -2.78 -29.40
CA LYS B 228 -5.03 -1.74 -28.47
C LYS B 228 -3.94 -0.64 -28.38
N PHE B 229 -2.77 -0.90 -28.98
CA PHE B 229 -1.66 0.05 -28.92
C PHE B 229 -1.87 1.40 -29.61
N ALA B 230 -2.55 1.42 -30.75
CA ALA B 230 -2.77 2.70 -31.42
C ALA B 230 -3.57 3.64 -30.53
N LYS B 231 -4.66 3.14 -29.92
CA LYS B 231 -5.48 3.96 -29.04
C LYS B 231 -4.69 4.38 -27.80
N ALA B 232 -3.91 3.47 -27.24
CA ALA B 232 -3.09 3.82 -26.07
C ALA B 232 -2.18 5.01 -26.39
N LYS B 233 -1.52 4.98 -27.56
CA LYS B 233 -0.64 6.08 -27.97
C LYS B 233 -1.44 7.37 -28.17
N GLU B 234 -2.61 7.26 -28.78
CA GLU B 234 -3.48 8.40 -29.01
C GLU B 234 -3.82 9.09 -27.69
N LEU B 235 -4.07 8.28 -26.66
CA LEU B 235 -4.44 8.80 -25.35
C LEU B 235 -3.29 9.16 -24.39
N GLY B 236 -2.04 9.01 -24.84
CA GLY B 236 -0.92 9.39 -23.99
C GLY B 236 0.20 8.41 -23.75
N ALA B 237 0.00 7.12 -24.04
CA ALA B 237 1.07 6.16 -23.82
C ALA B 237 2.31 6.59 -24.62
N THR B 238 3.47 6.57 -23.98
CA THR B 238 4.73 6.94 -24.62
C THR B 238 5.40 5.73 -25.24
N GLU B 239 5.11 4.55 -24.69
CA GLU B 239 5.66 3.27 -25.17
C GLU B 239 4.61 2.21 -24.97
N CYS B 240 4.60 1.22 -25.86
CA CYS B 240 3.66 0.12 -25.76
C CYS B 240 4.39 -1.20 -25.89
N ILE B 241 4.19 -2.09 -24.92
CA ILE B 241 4.86 -3.38 -24.98
C ILE B 241 3.92 -4.56 -24.76
N ASN B 242 4.21 -5.64 -25.46
CA ASN B 242 3.42 -6.85 -25.40
C ASN B 242 4.25 -7.92 -24.71
N PRO B 243 3.81 -8.40 -23.54
CA PRO B 243 4.58 -9.43 -22.82
C PRO B 243 4.92 -10.65 -23.67
N GLN B 244 4.08 -10.96 -24.64
CA GLN B 244 4.33 -12.13 -25.49
C GLN B 244 5.56 -12.04 -26.39
N ASP B 245 6.08 -10.83 -26.59
CA ASP B 245 7.27 -10.63 -27.41
C ASP B 245 8.57 -10.94 -26.65
N TYR B 246 8.46 -11.14 -25.34
CA TYR B 246 9.62 -11.34 -24.49
C TYR B 246 9.89 -12.72 -23.89
N LYS B 247 11.18 -13.02 -23.70
CA LYS B 247 11.60 -14.24 -23.07
C LYS B 247 11.72 -13.95 -21.57
N LYS B 248 12.06 -12.69 -21.25
CA LYS B 248 12.23 -12.23 -19.86
C LYS B 248 10.88 -11.89 -19.24
N PRO B 249 10.72 -12.11 -17.92
CA PRO B 249 9.46 -11.80 -17.23
C PRO B 249 9.17 -10.30 -17.44
N ILE B 250 7.90 -9.94 -17.67
CA ILE B 250 7.60 -8.53 -17.96
C ILE B 250 8.04 -7.51 -16.90
N GLN B 251 7.97 -7.88 -15.61
CA GLN B 251 8.39 -6.93 -14.58
C GLN B 251 9.88 -6.61 -14.70
N GLU B 252 10.67 -7.58 -15.15
CA GLU B 252 12.10 -7.35 -15.32
C GLU B 252 12.35 -6.45 -16.54
N VAL B 253 11.60 -6.69 -17.61
CA VAL B 253 11.68 -5.84 -18.81
C VAL B 253 11.36 -4.39 -18.42
N LEU B 254 10.29 -4.20 -17.64
CA LEU B 254 9.88 -2.87 -17.21
C LEU B 254 10.92 -2.16 -16.35
N LYS B 255 11.48 -2.86 -15.38
CA LYS B 255 12.51 -2.27 -14.51
C LYS B 255 13.73 -1.83 -15.31
N GLU B 256 14.12 -2.66 -16.27
CA GLU B 256 15.27 -2.35 -17.11
C GLU B 256 15.03 -1.19 -18.09
N MET B 257 13.76 -0.90 -18.35
CA MET B 257 13.38 0.21 -19.22
C MET B 257 13.26 1.50 -18.43
N THR B 258 13.22 1.37 -17.11
CA THR B 258 12.94 2.52 -16.25
C THR B 258 13.85 2.77 -15.03
N ASP B 259 15.14 2.44 -15.18
CA ASP B 259 16.10 2.68 -14.10
C ASP B 259 15.68 2.00 -12.78
N GLY B 260 15.25 0.76 -12.87
CA GLY B 260 14.89 0.04 -11.65
C GLY B 260 13.41 -0.11 -11.36
N GLY B 261 12.57 0.50 -12.17
CA GLY B 261 11.13 0.35 -11.93
C GLY B 261 10.39 1.66 -12.04
N VAL B 262 9.10 1.58 -12.35
CA VAL B 262 8.30 2.77 -12.50
C VAL B 262 7.92 3.38 -11.15
N ASP B 263 7.55 4.65 -11.18
CA ASP B 263 7.09 5.33 -9.97
C ASP B 263 5.67 4.85 -9.63
N PHE B 264 4.87 4.62 -10.68
CA PHE B 264 3.49 4.19 -10.51
C PHE B 264 3.08 3.10 -11.49
N SER B 265 2.56 2.00 -10.96
CA SER B 265 2.07 0.93 -11.82
C SER B 265 0.61 0.64 -11.49
N PHE B 266 -0.14 0.28 -12.52
CA PHE B 266 -1.57 0.01 -12.39
C PHE B 266 -1.93 -1.33 -13.01
N GLU B 267 -2.68 -2.17 -12.31
CA GLU B 267 -3.14 -3.42 -12.91
C GLU B 267 -4.61 -3.13 -13.22
N VAL B 268 -4.99 -3.25 -14.49
CA VAL B 268 -6.37 -2.95 -14.89
C VAL B 268 -6.88 -4.07 -15.79
N ILE B 269 -6.73 -5.30 -15.32
CA ILE B 269 -7.15 -6.49 -16.05
C ILE B 269 -7.99 -7.39 -15.16
N GLY B 270 -7.39 -7.81 -14.04
CA GLY B 270 -8.07 -8.67 -13.10
C GLY B 270 -7.48 -10.07 -13.04
N ARG B 271 -6.15 -10.18 -13.15
CA ARG B 271 -5.49 -11.49 -13.10
C ARG B 271 -4.42 -11.47 -12.02
N LEU B 272 -4.24 -12.59 -11.34
CA LEU B 272 -3.22 -12.64 -10.31
C LEU B 272 -1.81 -12.46 -10.89
N ASP B 273 -1.53 -13.04 -12.05
CA ASP B 273 -0.19 -12.89 -12.62
C ASP B 273 0.19 -11.45 -12.97
N THR B 274 -0.76 -10.71 -13.54
CA THR B 274 -0.51 -9.32 -13.87
C THR B 274 -0.52 -8.45 -12.60
N MET B 275 -1.26 -8.85 -11.55
CA MET B 275 -1.22 -8.07 -10.31
C MET B 275 0.17 -8.19 -9.69
N MET B 276 0.73 -9.39 -9.78
CA MET B 276 2.07 -9.63 -9.26
C MET B 276 3.11 -8.87 -10.08
N ALA B 277 3.03 -8.98 -11.41
CA ALA B 277 3.96 -8.27 -12.28
C ALA B 277 3.88 -6.76 -12.06
N SER B 278 2.66 -6.24 -11.90
CA SER B 278 2.50 -4.80 -11.70
C SER B 278 3.18 -4.35 -10.40
N LEU B 279 3.02 -5.12 -9.33
CA LEU B 279 3.64 -4.78 -8.06
C LEU B 279 5.17 -4.85 -8.20
N LEU B 280 5.65 -5.90 -8.83
CA LEU B 280 7.09 -6.10 -9.00
C LEU B 280 7.77 -5.08 -9.90
N CYS B 281 7.03 -4.51 -10.84
CA CYS B 281 7.63 -3.54 -11.76
C CYS B 281 7.78 -2.12 -11.26
N CYS B 282 7.19 -1.78 -10.10
CA CYS B 282 7.37 -0.44 -9.57
C CYS B 282 8.65 -0.48 -8.73
N HIS B 283 9.38 0.63 -8.71
CA HIS B 283 10.68 0.70 -8.01
C HIS B 283 10.52 0.26 -6.55
N GLU B 284 11.47 -0.56 -6.08
CA GLU B 284 11.38 -1.09 -4.72
C GLU B 284 11.47 -0.07 -3.60
N ALA B 285 12.05 1.09 -3.88
CA ALA B 285 12.19 2.11 -2.85
C ALA B 285 11.20 3.24 -2.93
N CYS B 286 10.63 3.50 -4.10
CA CYS B 286 9.75 4.63 -4.19
C CYS B 286 8.53 4.40 -5.06
N GLY B 287 8.29 3.14 -5.39
CA GLY B 287 7.14 2.81 -6.23
C GLY B 287 5.82 2.63 -5.50
N THR B 288 4.78 2.91 -6.25
CA THR B 288 3.41 2.76 -5.79
C THR B 288 2.68 1.96 -6.84
N SER B 289 1.93 0.95 -6.40
CA SER B 289 1.19 0.11 -7.33
C SER B 289 -0.28 0.04 -6.93
N VAL B 290 -1.15 0.26 -7.91
CA VAL B 290 -2.59 0.30 -7.67
C VAL B 290 -3.31 -0.85 -8.35
N ILE B 291 -4.11 -1.57 -7.57
CA ILE B 291 -4.90 -2.66 -8.11
C ILE B 291 -6.24 -2.08 -8.49
N VAL B 292 -6.59 -2.20 -9.78
CA VAL B 292 -7.87 -1.73 -10.27
C VAL B 292 -8.71 -2.91 -10.74
N GLY B 293 -8.07 -3.86 -11.40
CA GLY B 293 -8.82 -5.01 -11.91
C GLY B 293 -9.43 -5.87 -10.82
N VAL B 294 -10.55 -6.52 -11.14
CA VAL B 294 -11.23 -7.40 -10.18
C VAL B 294 -10.69 -8.82 -10.39
N PRO B 295 -10.00 -9.38 -9.37
CA PRO B 295 -9.44 -10.74 -9.46
C PRO B 295 -10.52 -11.84 -9.36
N PRO B 296 -10.22 -13.05 -9.86
CA PRO B 296 -11.19 -14.16 -9.80
C PRO B 296 -11.48 -14.49 -8.34
N ALA B 297 -12.73 -14.85 -8.04
CA ALA B 297 -13.12 -15.17 -6.68
C ALA B 297 -12.24 -16.18 -5.95
N SER B 298 -12.01 -15.88 -4.68
CA SER B 298 -11.24 -16.72 -3.76
C SER B 298 -9.84 -17.17 -4.20
N GLN B 299 -9.17 -16.36 -5.00
CA GLN B 299 -7.82 -16.69 -5.44
C GLN B 299 -6.83 -15.70 -4.83
N ASN B 300 -5.77 -16.23 -4.23
CA ASN B 300 -4.77 -15.41 -3.54
C ASN B 300 -3.39 -15.29 -4.16
N LEU B 301 -2.74 -14.16 -3.89
CA LEU B 301 -1.39 -13.89 -4.35
C LEU B 301 -0.41 -14.32 -3.26
N SER B 302 0.79 -14.76 -3.66
CA SER B 302 1.84 -15.19 -2.73
C SER B 302 2.83 -14.04 -2.68
N ILE B 303 2.88 -13.34 -1.56
CA ILE B 303 3.76 -12.17 -1.43
C ILE B 303 4.85 -12.20 -0.36
N ASN B 304 6.10 -11.95 -0.76
CA ASN B 304 7.17 -11.83 0.20
C ASN B 304 7.05 -10.40 0.75
N PRO B 305 6.88 -10.25 2.08
CA PRO B 305 6.77 -8.92 2.68
C PRO B 305 7.93 -7.99 2.38
N MET B 306 9.10 -8.55 2.10
CA MET B 306 10.26 -7.73 1.79
C MET B 306 9.98 -6.83 0.59
N LEU B 307 9.02 -7.22 -0.26
CA LEU B 307 8.64 -6.42 -1.42
C LEU B 307 8.10 -5.05 -1.00
N LEU B 308 7.48 -4.99 0.18
CA LEU B 308 6.97 -3.74 0.69
C LEU B 308 7.94 -3.08 1.66
N LEU B 309 8.67 -3.87 2.43
CA LEU B 309 9.60 -3.34 3.44
C LEU B 309 10.63 -2.37 2.88
N THR B 310 11.01 -2.54 1.61
CA THR B 310 12.00 -1.66 1.02
C THR B 310 11.47 -0.24 0.76
N GLY B 311 10.14 -0.07 0.75
CA GLY B 311 9.57 1.23 0.52
C GLY B 311 8.39 1.32 -0.44
N ARG B 312 7.89 0.19 -0.90
CA ARG B 312 6.76 0.21 -1.84
C ARG B 312 5.44 0.46 -1.12
N THR B 313 4.48 0.96 -1.89
CA THR B 313 3.12 1.22 -1.42
C THR B 313 2.24 0.44 -2.38
N TRP B 314 1.36 -0.40 -1.83
CA TRP B 314 0.46 -1.22 -2.65
C TRP B 314 -0.96 -0.88 -2.20
N LYS B 315 -1.82 -0.53 -3.15
CA LYS B 315 -3.15 -0.16 -2.73
C LYS B 315 -4.17 -0.48 -3.80
N GLY B 316 -5.43 -0.46 -3.39
CA GLY B 316 -6.50 -0.72 -4.34
C GLY B 316 -7.62 0.27 -4.07
N ALA B 317 -8.60 0.31 -4.97
CA ALA B 317 -9.73 1.23 -4.80
C ALA B 317 -10.80 0.91 -5.81
N VAL B 318 -12.01 1.35 -5.49
CA VAL B 318 -13.11 1.22 -6.43
C VAL B 318 -13.41 2.63 -6.91
N TYR B 319 -13.97 2.72 -8.11
CA TYR B 319 -14.39 3.98 -8.72
C TYR B 319 -13.29 5.03 -8.86
N GLY B 320 -12.03 4.59 -8.95
CA GLY B 320 -10.95 5.57 -9.06
C GLY B 320 -10.85 6.50 -7.85
N GLY B 321 -11.39 6.05 -6.71
CA GLY B 321 -11.35 6.86 -5.50
C GLY B 321 -12.36 7.98 -5.40
N PHE B 322 -13.14 8.20 -6.46
CA PHE B 322 -14.13 9.28 -6.46
C PHE B 322 -15.31 9.02 -5.52
N LYS B 323 -15.71 10.03 -4.73
CA LYS B 323 -16.94 9.93 -3.92
C LYS B 323 -17.97 10.02 -5.05
N SER B 324 -18.77 8.96 -5.19
CA SER B 324 -19.70 8.81 -6.30
C SER B 324 -20.62 9.92 -6.75
N LYS B 325 -21.52 10.27 -5.84
CA LYS B 325 -22.54 11.25 -6.13
C LYS B 325 -22.04 12.67 -6.36
N GLU B 326 -21.02 13.06 -5.60
CA GLU B 326 -20.47 14.39 -5.80
C GLU B 326 -19.50 14.43 -6.97
N GLY B 327 -18.77 13.34 -7.15
CA GLY B 327 -17.77 13.28 -8.21
C GLY B 327 -18.19 13.13 -9.68
N ILE B 328 -19.17 12.26 -9.93
CA ILE B 328 -19.60 11.99 -11.29
C ILE B 328 -20.15 13.25 -11.97
N PRO B 329 -20.95 14.08 -11.27
CA PRO B 329 -21.44 15.27 -11.99
C PRO B 329 -20.33 16.25 -12.36
N LYS B 330 -19.26 16.30 -11.55
CA LYS B 330 -18.15 17.21 -11.81
C LYS B 330 -17.40 16.74 -13.04
N LEU B 331 -17.27 15.42 -13.18
CA LEU B 331 -16.60 14.87 -14.35
C LEU B 331 -17.47 15.12 -15.59
N VAL B 332 -18.79 15.03 -15.44
CA VAL B 332 -19.66 15.31 -16.59
C VAL B 332 -19.51 16.80 -16.96
N ALA B 333 -19.41 17.67 -15.96
CA ALA B 333 -19.22 19.10 -16.24
C ALA B 333 -17.92 19.32 -17.00
N ASP B 334 -16.84 18.64 -16.60
CA ASP B 334 -15.56 18.78 -17.27
C ASP B 334 -15.69 18.33 -18.72
N PHE B 335 -16.45 17.24 -18.93
CA PHE B 335 -16.69 16.72 -20.27
C PHE B 335 -17.43 17.78 -21.09
N MET B 336 -18.46 18.38 -20.50
CA MET B 336 -19.24 19.40 -21.22
C MET B 336 -18.40 20.64 -21.54
N ALA B 337 -17.39 20.89 -20.71
CA ALA B 337 -16.47 22.02 -20.91
C ALA B 337 -15.34 21.66 -21.87
N LYS B 338 -15.43 20.46 -22.47
CA LYS B 338 -14.45 19.96 -23.44
C LYS B 338 -13.05 19.69 -22.89
N LYS B 339 -12.95 19.43 -21.58
CA LYS B 339 -11.65 19.15 -20.99
C LYS B 339 -11.09 17.78 -21.39
N PHE B 340 -11.99 16.85 -21.74
CA PHE B 340 -11.59 15.53 -22.22
C PHE B 340 -12.68 14.99 -23.10
N SER B 341 -12.31 14.06 -24.00
CA SER B 341 -13.26 13.43 -24.91
C SER B 341 -13.35 11.93 -24.57
N LEU B 342 -14.48 11.32 -24.92
CA LEU B 342 -14.69 9.90 -24.67
C LEU B 342 -14.80 9.13 -26.00
N ASP B 343 -14.76 9.85 -27.12
CA ASP B 343 -14.90 9.21 -28.42
C ASP B 343 -13.97 8.02 -28.71
N ALA B 344 -12.71 8.14 -28.34
CA ALA B 344 -11.73 7.09 -28.59
C ALA B 344 -12.07 5.80 -27.85
N LEU B 345 -12.78 5.92 -26.74
CA LEU B 345 -13.15 4.74 -25.95
C LEU B 345 -14.36 4.01 -26.46
N ILE B 346 -15.24 4.72 -27.18
CA ILE B 346 -16.45 4.08 -27.70
C ILE B 346 -16.21 3.60 -29.13
N THR B 347 -15.98 2.30 -29.26
CA THR B 347 -15.69 1.68 -30.54
C THR B 347 -16.88 1.09 -31.28
N HIS B 348 -17.94 0.79 -30.55
CA HIS B 348 -19.13 0.18 -31.13
C HIS B 348 -20.40 0.67 -30.45
N VAL B 349 -21.47 0.77 -31.23
CA VAL B 349 -22.77 1.16 -30.70
C VAL B 349 -23.77 0.18 -31.26
N LEU B 350 -24.61 -0.35 -30.37
CA LEU B 350 -25.62 -1.34 -30.75
C LEU B 350 -26.88 -1.12 -29.97
N PRO B 351 -28.03 -1.56 -30.51
CA PRO B 351 -29.25 -1.37 -29.75
C PRO B 351 -29.21 -2.38 -28.59
N PHE B 352 -29.94 -2.04 -27.53
CA PHE B 352 -30.02 -2.87 -26.33
C PHE B 352 -30.31 -4.36 -26.61
N GLU B 353 -31.23 -4.64 -27.53
CA GLU B 353 -31.60 -6.01 -27.85
C GLU B 353 -30.46 -6.87 -28.38
N LYS B 354 -29.38 -6.22 -28.80
CA LYS B 354 -28.20 -6.94 -29.29
C LYS B 354 -27.10 -7.01 -28.25
N ILE B 355 -27.50 -7.02 -26.98
CA ILE B 355 -26.55 -7.10 -25.87
C ILE B 355 -25.60 -8.31 -26.00
N ASN B 356 -26.10 -9.47 -26.42
CA ASN B 356 -25.21 -10.62 -26.56
C ASN B 356 -24.08 -10.40 -27.58
N GLU B 357 -24.39 -9.71 -28.68
CA GLU B 357 -23.37 -9.38 -29.68
C GLU B 357 -22.36 -8.43 -29.05
N GLY B 358 -22.86 -7.57 -28.16
CA GLY B 358 -21.98 -6.63 -27.48
C GLY B 358 -21.00 -7.38 -26.59
N PHE B 359 -21.46 -8.44 -25.93
CA PHE B 359 -20.56 -9.23 -25.11
C PHE B 359 -19.62 -10.03 -26.01
N ASP B 360 -20.09 -10.49 -27.17
CA ASP B 360 -19.22 -11.22 -28.10
C ASP B 360 -18.05 -10.31 -28.50
N LEU B 361 -18.34 -9.03 -28.72
CA LEU B 361 -17.31 -8.05 -29.10
C LEU B 361 -16.25 -7.92 -27.99
N LEU B 362 -16.72 -7.84 -26.74
CA LEU B 362 -15.82 -7.74 -25.59
C LEU B 362 -14.90 -8.96 -25.55
N HIS B 363 -15.50 -10.14 -25.67
CA HIS B 363 -14.74 -11.40 -25.63
C HIS B 363 -13.71 -11.53 -26.74
N SER B 364 -14.03 -10.99 -27.92
CA SER B 364 -13.16 -11.04 -29.08
C SER B 364 -11.96 -10.10 -29.06
N GLY B 365 -12.00 -9.09 -28.19
CA GLY B 365 -10.92 -8.12 -28.11
C GLY B 365 -11.02 -6.99 -29.14
N LYS B 366 -12.07 -7.02 -29.96
CA LYS B 366 -12.25 -5.99 -30.98
C LYS B 366 -12.80 -4.66 -30.47
N SER B 367 -13.50 -4.70 -29.36
CA SER B 367 -14.07 -3.48 -28.81
C SER B 367 -13.34 -3.01 -27.57
N ILE B 368 -13.52 -1.71 -27.30
CA ILE B 368 -13.01 -1.09 -26.05
C ILE B 368 -14.36 -1.02 -25.27
N ARG B 369 -15.15 0.01 -25.56
CA ARG B 369 -16.48 0.07 -24.97
C ARG B 369 -17.53 -0.02 -26.08
N THR B 370 -18.49 -0.93 -25.89
CA THR B 370 -19.67 -0.98 -26.77
C THR B 370 -20.75 -0.30 -25.93
N VAL B 371 -21.44 0.68 -26.52
CA VAL B 371 -22.51 1.37 -25.83
C VAL B 371 -23.82 0.88 -26.45
N LEU B 372 -24.75 0.46 -25.59
CA LEU B 372 -26.05 -0.04 -26.01
C LEU B 372 -27.09 1.06 -25.85
N THR B 373 -27.88 1.26 -26.90
CA THR B 373 -28.91 2.28 -26.90
C THR B 373 -30.31 1.68 -26.73
N PHE B 374 -31.13 2.37 -25.94
CA PHE B 374 -32.49 1.91 -25.68
C PHE B 374 -33.54 2.52 -26.60
ZN ZN C . 21.72 6.98 -2.38
ZN ZN D . 17.77 -2.30 14.21
PA NAD E . 11.51 -7.05 20.06
O1A NAD E . 11.74 -8.54 19.95
O2A NAD E . 12.14 -6.33 21.19
O5B NAD E . 9.95 -6.77 20.20
C5B NAD E . 8.99 -7.60 19.56
C4B NAD E . 7.70 -7.55 20.39
O4B NAD E . 6.78 -8.38 19.70
C3B NAD E . 7.91 -8.15 21.81
O3B NAD E . 7.33 -7.29 22.80
C2B NAD E . 7.12 -9.47 21.67
O2B NAD E . 6.56 -9.87 22.95
C1B NAD E . 5.98 -9.14 20.67
N9A NAD E . 5.61 -10.34 19.99
C8A NAD E . 6.40 -11.41 19.54
N7A NAD E . 5.62 -12.38 18.96
C5A NAD E . 4.34 -11.90 19.05
C6A NAD E . 3.13 -12.46 18.61
N6A NAD E . 3.06 -13.67 18.02
N1A NAD E . 1.98 -11.74 18.83
C2A NAD E . 2.01 -10.49 19.46
N3A NAD E . 3.23 -9.91 19.90
C4A NAD E . 4.34 -10.67 19.65
O3 NAD E . 11.85 -6.50 18.62
PN NAD E . 12.32 -5.03 18.12
O1N NAD E . 13.80 -4.81 18.33
O2N NAD E . 11.43 -3.99 18.67
O5D NAD E . 12.09 -5.19 16.52
C5D NAD E . 10.77 -5.41 16.01
C4D NAD E . 10.86 -5.81 14.53
O4D NAD E . 11.30 -4.67 13.78
C3D NAD E . 11.90 -6.95 14.31
O3D NAD E . 11.40 -7.86 13.33
C2D NAD E . 13.08 -6.14 13.72
O2D NAD E . 13.90 -6.99 12.89
C1D NAD E . 12.33 -5.13 12.85
N1N NAD E . 13.09 -3.92 12.52
C2N NAD E . 12.84 -3.31 11.32
C3N NAD E . 13.37 -2.11 11.01
C7N NAD E . 13.07 -1.49 9.80
O7N NAD E . 13.77 -0.58 9.34
N7N NAD E . 11.97 -1.79 9.08
C4N NAD E . 14.19 -1.49 11.92
C5N NAD E . 14.47 -2.07 13.11
C6N NAD E . 13.88 -3.31 13.41
C1 HPL F . 17.54 -6.92 5.67
C2 HPL F . 16.27 -6.13 5.91
C3 HPL F . 16.27 -5.53 7.31
C4 HPL F . 15.74 -4.11 7.27
C5 HPL F . 15.74 -3.47 8.65
C6 HPL F . 18.77 -6.17 6.20
C12 HPL F . 16.82 -3.98 9.56
N13 HPL F . 17.59 -2.89 10.11
C14 HPL F . 17.75 -2.61 11.40
O16 HPL F . 17.21 -3.25 12.31
ZN ZN G . -21.85 6.11 3.07
ZN ZN H . -17.75 -1.17 -14.41
P PO4 I . -38.51 -8.91 -2.61
O1 PO4 I . -39.05 -9.31 -1.29
O2 PO4 I . -37.03 -8.79 -2.52
O3 PO4 I . -39.10 -7.59 -3.01
O4 PO4 I . -38.86 -9.93 -3.65
PA NAD J . -11.34 -5.22 -20.70
O1A NAD J . -11.60 -6.68 -20.75
O2A NAD J . -12.06 -4.45 -21.71
O5B NAD J . -9.81 -4.89 -20.87
C5B NAD J . -8.78 -5.72 -20.26
C4B NAD J . -7.52 -5.52 -21.12
O4B NAD J . -6.51 -6.38 -20.54
C3B NAD J . -7.75 -6.00 -22.57
O3B NAD J . -7.19 -5.03 -23.49
C2B NAD J . -6.90 -7.30 -22.56
O2B NAD J . -6.39 -7.58 -23.86
C1B NAD J . -5.76 -7.06 -21.58
N9A NAD J . -5.31 -8.33 -21.07
C8A NAD J . -6.08 -9.46 -20.76
N7A NAD J . -5.26 -10.45 -20.22
C5A NAD J . -4.02 -9.92 -20.20
C6A NAD J . -2.83 -10.49 -19.81
N6A NAD J . -2.74 -11.76 -19.33
N1A NAD J . -1.69 -9.74 -19.95
C2A NAD J . -1.73 -8.45 -20.47
N3A NAD J . -2.94 -7.88 -20.87
C4A NAD J . -4.04 -8.66 -20.71
O3 NAD J . -11.71 -4.78 -19.20
PN NAD J . -12.23 -3.36 -18.62
O1N NAD J . -13.71 -3.19 -18.83
O2N NAD J . -11.35 -2.29 -19.05
O5D NAD J . -12.00 -3.69 -17.06
C5D NAD J . -10.69 -4.00 -16.57
C4D NAD J . -10.76 -4.54 -15.13
O4D NAD J . -11.20 -3.47 -14.27
C3D NAD J . -11.77 -5.70 -15.01
O3D NAD J . -11.26 -6.67 -14.08
C2D NAD J . -12.99 -4.98 -14.40
O2D NAD J . -13.78 -5.90 -13.65
C1D NAD J . -12.26 -4.02 -13.44
N1N NAD J . -13.01 -2.83 -12.96
C2N NAD J . -12.77 -2.34 -11.70
C3N NAD J . -13.33 -1.24 -11.22
C7N NAD J . -13.02 -0.78 -9.95
O7N NAD J . -13.78 0.00 -9.34
N7N NAD J . -11.87 -1.08 -9.29
C4N NAD J . -14.21 -0.53 -12.02
C5N NAD J . -14.48 -0.99 -13.28
C6N NAD J . -13.86 -2.15 -13.75
C1 HPL K . -15.51 -5.99 -5.42
C2 HPL K . -16.69 -5.59 -6.28
C3 HPL K . -16.28 -5.32 -7.72
C4 HPL K . -15.42 -4.08 -7.79
C5 HPL K . -16.20 -2.89 -8.32
C6 HPL K . -14.94 -4.77 -4.63
C12 HPL K . -16.29 -2.91 -9.83
N13 HPL K . -17.48 -2.17 -10.26
C14 HPL K . -17.84 -1.84 -11.49
O16 HPL K . -17.21 -2.18 -12.51
#